data_5OPI
#
_entry.id   5OPI
#
_cell.length_a   205.040
_cell.length_b   205.040
_cell.length_c   121.300
_cell.angle_alpha   90.00
_cell.angle_beta   90.00
_cell.angle_gamma   120.00
#
_symmetry.space_group_name_H-M   'P 65 2 2'
#
loop_
_entity.id
_entity.type
_entity.pdbx_description
1 polymer 'H-2 class I histocompatibility antigen, D-B alpha chain'
2 polymer Beta-2-microglobulin
3 polymer 'TAP binding protein-like variant'
#
loop_
_entity_poly.entity_id
_entity_poly.type
_entity_poly.pdbx_seq_one_letter_code
_entity_poly.pdbx_strand_id
1 'polypeptide(L)'
;GPHSMRYFETAVSRPGLEEPRYISVGYVDNKEFVRFDSDAENPRYEPRAPWMEQEGPEYWERETQKAKGQEQWFRVSLRN
LLGYYNQSAGGSHTLQQMSGCDLGSDWRLLRGYLQFAYEGRDYIALNEDLKTWTAADMAAQITRRKWEQSGAAEHYKAYL
EGECVEWLHRYLKNGNATLLRTDSPKAHVTHHPRSKGEVTLRCWALGFYPADITLTWQLNGEELTQDMELVETRPAGDGT
FQKWASVVVPLGKEQNYTCRVYHEGLPEPLTLRWEPSSA
;
A
2 'polypeptide(L)'
;IQRTPKIQVYSRHPAENGKSNFLNCYVSGFHPSDIEVDLLKNGERIEKVEHSDLSFSKDWSFYLLYYTEFTPTEKDEYAC
RVNHVTLSQPKIVKWDRDM
;
B
3 'polypeptide(L)'
;ADPGVDVVLDCFLVKDGAHRGALASSEDRARASLVLKQVPVLDDGSLEDFTDFQGGTLAQDDPPIIFEASVDLVQIPQAE
ALLHADASGKEVTCEISRYFLQMTETTVKTAAWFMANVQVSGGGPSISLVMKTPRVAKNEVLWHPTLNLPLSPQGTVRTA
VEFQVMTQTQSLSFLLGSSASLDCGFSMAPGLDLISVEWRLQHKGRGQLVYSWTAGQGQAVRKGATLEPAQLGMARDASL
TLPGLTIQDEGTYICQITTSLYRAQQIIQLNIQASPKVRLSLANEALLPTLICDIAGYYPLDVVVTWTREELGGSPAQVS
GASFSSLRQSVAGTYSISSSLTAEPGSAGATYTCQVTHISLEEPLGASTQVVP
;
C
#
# COMPACT_ATOMS: atom_id res chain seq x y z
N GLY A 1 23.18 6.81 -12.16
CA GLY A 1 21.85 6.36 -11.78
C GLY A 1 21.76 4.91 -11.31
N PRO A 2 20.94 4.67 -10.29
CA PRO A 2 20.65 3.29 -9.86
C PRO A 2 20.04 2.46 -10.97
N HIS A 3 19.88 1.16 -10.68
CA HIS A 3 19.15 0.27 -11.57
C HIS A 3 18.43 -0.82 -10.79
N SER A 4 17.40 -1.38 -11.41
CA SER A 4 16.59 -2.37 -10.72
C SER A 4 16.00 -3.38 -11.70
N MET A 5 15.66 -4.54 -11.16
CA MET A 5 14.88 -5.54 -11.86
C MET A 5 13.79 -6.06 -10.93
N ARG A 6 12.60 -6.26 -11.48
CA ARG A 6 11.52 -6.84 -10.72
C ARG A 6 10.76 -7.82 -11.60
N TYR A 7 10.24 -8.90 -10.98
CA TYR A 7 9.21 -9.74 -11.58
C TYR A 7 7.95 -9.63 -10.71
N PHE A 8 6.86 -9.19 -11.32
CA PHE A 8 5.58 -9.05 -10.66
C PHE A 8 4.59 -10.12 -11.06
N GLU A 9 4.17 -10.97 -10.10
CA GLU A 9 3.26 -12.02 -10.47
C GLU A 9 1.99 -11.79 -9.68
N THR A 10 0.87 -12.08 -10.32
CA THR A 10 -0.46 -11.84 -9.77
C THR A 10 -1.44 -12.91 -10.16
N ALA A 11 -2.21 -13.40 -9.21
CA ALA A 11 -3.36 -14.22 -9.54
C ALA A 11 -4.59 -13.58 -8.91
N VAL A 12 -5.64 -13.45 -9.73
CA VAL A 12 -6.92 -12.88 -9.34
C VAL A 12 -7.98 -13.96 -9.51
N SER A 13 -8.63 -14.33 -8.41
CA SER A 13 -9.69 -15.30 -8.48
C SER A 13 -10.95 -14.74 -9.12
N ARG A 14 -11.65 -15.63 -9.81
CA ARG A 14 -12.86 -15.31 -10.57
C ARG A 14 -13.99 -16.23 -10.15
N PRO A 15 -15.03 -15.70 -9.50
CA PRO A 15 -16.18 -16.52 -9.08
C PRO A 15 -16.72 -17.42 -10.18
N GLY A 16 -16.81 -18.72 -9.88
CA GLY A 16 -17.31 -19.64 -10.87
C GLY A 16 -16.31 -20.22 -11.85
N LEU A 17 -15.08 -19.75 -11.88
CA LEU A 17 -14.09 -20.37 -12.75
C LEU A 17 -13.00 -21.03 -11.92
N GLU A 18 -12.50 -22.15 -12.42
CA GLU A 18 -11.54 -22.93 -11.66
C GLU A 18 -10.16 -22.28 -11.69
N GLU A 19 -9.81 -21.63 -12.80
CA GLU A 19 -8.47 -21.11 -13.01
C GLU A 19 -8.47 -19.61 -12.77
N PRO A 20 -7.62 -19.12 -11.88
CA PRO A 20 -7.51 -17.68 -11.69
C PRO A 20 -6.79 -17.08 -12.89
N ARG A 21 -6.90 -15.77 -13.08
CA ARG A 21 -6.01 -15.20 -14.06
C ARG A 21 -4.66 -14.96 -13.40
N TYR A 22 -3.61 -15.38 -14.08
CA TYR A 22 -2.27 -15.25 -13.57
C TYR A 22 -1.52 -14.45 -14.62
N ILE A 23 -0.75 -13.48 -14.16
CA ILE A 23 0.03 -12.60 -15.02
C ILE A 23 1.39 -12.43 -14.40
N SER A 24 2.43 -12.58 -15.19
CA SER A 24 3.77 -12.32 -14.69
C SER A 24 4.32 -11.23 -15.62
N VAL A 25 4.91 -10.20 -15.03
CA VAL A 25 5.50 -9.09 -15.79
C VAL A 25 6.90 -8.83 -15.27
N GLY A 26 7.88 -8.81 -16.16
CA GLY A 26 9.24 -8.50 -15.75
C GLY A 26 9.58 -7.05 -16.08
N TYR A 27 10.32 -6.41 -15.17
CA TYR A 27 10.77 -5.04 -15.31
C TYR A 27 12.25 -4.90 -15.03
N VAL A 28 12.90 -4.05 -15.83
CA VAL A 28 14.20 -3.51 -15.51
C VAL A 28 14.00 -2.00 -15.38
N ASP A 29 14.40 -1.43 -14.23
CA ASP A 29 14.22 -0.01 -13.97
C ASP A 29 12.78 0.41 -14.25
N ASN A 30 11.84 -0.38 -13.79
CA ASN A 30 10.43 -0.01 -13.88
C ASN A 30 9.94 -0.02 -15.31
N LYS A 31 10.70 -0.57 -16.24
CA LYS A 31 10.27 -0.65 -17.63
C LYS A 31 10.10 -2.11 -18.02
N GLU A 32 8.94 -2.40 -18.60
CA GLU A 32 8.56 -3.77 -18.95
C GLU A 32 9.47 -4.36 -20.02
N PHE A 33 9.91 -5.60 -19.81
CA PHE A 33 10.69 -6.28 -20.84
C PHE A 33 10.21 -7.70 -21.19
N VAL A 34 9.43 -8.36 -20.32
CA VAL A 34 8.76 -9.60 -20.68
C VAL A 34 7.36 -9.61 -20.05
N ARG A 35 6.48 -10.43 -20.62
CA ARG A 35 5.16 -10.58 -20.03
C ARG A 35 4.51 -11.91 -20.33
N PHE A 36 3.85 -12.46 -19.30
CA PHE A 36 3.03 -13.66 -19.44
C PHE A 36 1.62 -13.38 -18.94
N ASP A 37 0.61 -13.85 -19.69
CA ASP A 37 -0.78 -13.66 -19.28
C ASP A 37 -1.57 -14.91 -19.62
N SER A 38 -2.17 -15.58 -18.63
CA SER A 38 -2.88 -16.83 -18.91
C SER A 38 -4.14 -16.63 -19.77
N ASP A 39 -4.72 -15.44 -19.83
CA ASP A 39 -5.97 -15.27 -20.58
C ASP A 39 -5.72 -15.04 -22.07
N ALA A 40 -4.45 -14.96 -22.48
CA ALA A 40 -4.04 -14.83 -23.86
C ALA A 40 -4.49 -16.03 -24.68
N GLU A 41 -4.24 -15.97 -25.98
CA GLU A 41 -4.74 -16.96 -26.93
C GLU A 41 -4.09 -18.31 -26.67
N ASN A 42 -2.76 -18.39 -26.75
CA ASN A 42 -2.03 -19.46 -26.08
C ASN A 42 -0.92 -18.89 -25.21
N PRO A 43 -1.05 -18.98 -23.88
CA PRO A 43 -0.17 -18.20 -23.02
C PRO A 43 1.28 -18.70 -23.13
N ARG A 44 2.15 -17.70 -23.14
CA ARG A 44 3.56 -17.90 -23.10
C ARG A 44 4.18 -16.58 -22.73
N TYR A 45 5.35 -16.60 -22.12
CA TYR A 45 6.06 -15.34 -21.90
C TYR A 45 6.32 -14.54 -23.17
N GLU A 46 6.08 -13.22 -23.12
CA GLU A 46 6.38 -12.53 -24.37
C GLU A 46 7.39 -11.41 -24.26
N PRO A 47 8.15 -11.17 -25.33
CA PRO A 47 9.10 -10.05 -25.34
C PRO A 47 8.32 -8.75 -25.43
N ARG A 48 8.70 -7.79 -24.58
CA ARG A 48 8.04 -6.49 -24.59
C ARG A 48 8.93 -5.36 -25.08
N ALA A 49 10.13 -5.18 -24.49
CA ALA A 49 11.07 -4.18 -24.98
C ALA A 49 11.89 -4.75 -26.16
N PRO A 50 12.10 -3.95 -27.22
CA PRO A 50 12.79 -4.48 -28.41
C PRO A 50 14.16 -5.08 -28.15
N TRP A 51 14.93 -4.57 -27.18
CA TRP A 51 16.25 -5.13 -26.94
C TRP A 51 16.18 -6.54 -26.36
N MET A 52 15.02 -6.94 -25.83
CA MET A 52 14.76 -8.26 -25.25
C MET A 52 14.58 -9.35 -26.30
N GLU A 53 14.39 -9.00 -27.57
CA GLU A 53 14.19 -9.96 -28.65
C GLU A 53 15.44 -10.77 -28.97
N GLN A 54 16.59 -10.44 -28.40
CA GLN A 54 17.79 -11.22 -28.61
C GLN A 54 17.82 -12.48 -27.75
N GLU A 55 16.79 -12.72 -26.95
CA GLU A 55 16.67 -14.00 -26.29
C GLU A 55 16.01 -15.00 -27.25
N GLY A 56 16.56 -16.21 -27.30
CA GLY A 56 16.11 -17.24 -28.22
C GLY A 56 14.91 -18.01 -27.73
N PRO A 57 14.37 -18.85 -28.62
CA PRO A 57 13.15 -19.60 -28.29
C PRO A 57 13.26 -20.40 -27.00
N GLU A 58 14.44 -20.94 -26.71
CA GLU A 58 14.63 -21.71 -25.49
C GLU A 58 14.35 -20.88 -24.25
N TYR A 59 14.82 -19.64 -24.24
CA TYR A 59 14.55 -18.78 -23.10
C TYR A 59 13.06 -18.64 -22.84
N TRP A 60 12.30 -18.31 -23.89
CA TRP A 60 10.87 -18.08 -23.68
C TRP A 60 10.21 -19.34 -23.16
N GLU A 61 10.63 -20.49 -23.68
CA GLU A 61 10.07 -21.74 -23.21
C GLU A 61 10.47 -22.00 -21.76
N ARG A 62 11.73 -21.72 -21.40
CA ARG A 62 12.14 -21.93 -20.02
C ARG A 62 11.36 -21.03 -19.08
N GLU A 63 11.23 -19.75 -19.43
CA GLU A 63 10.40 -18.87 -18.60
C GLU A 63 8.95 -19.34 -18.61
N THR A 64 8.46 -19.81 -19.76
CA THR A 64 7.05 -20.18 -19.87
C THR A 64 6.73 -21.35 -18.96
N GLN A 65 7.64 -22.31 -18.85
CA GLN A 65 7.38 -23.41 -17.95
C GLN A 65 7.32 -22.94 -16.50
N LYS A 66 8.17 -21.96 -16.13
CA LYS A 66 8.09 -21.37 -14.80
C LYS A 66 6.72 -20.75 -14.54
N ALA A 67 6.19 -20.00 -15.50
CA ALA A 67 4.86 -19.39 -15.30
C ALA A 67 3.78 -20.45 -15.14
N LYS A 68 3.86 -21.51 -15.93
CA LYS A 68 2.83 -22.55 -15.87
C LYS A 68 2.85 -23.24 -14.51
N GLY A 69 4.03 -23.47 -13.95
CA GLY A 69 4.10 -23.99 -12.59
C GLY A 69 3.49 -23.04 -11.60
N GLN A 70 3.92 -21.78 -11.63
CA GLN A 70 3.45 -20.77 -10.68
C GLN A 70 1.94 -20.61 -10.73
N GLU A 71 1.36 -20.68 -11.93
CA GLU A 71 -0.08 -20.52 -12.07
C GLU A 71 -0.83 -21.50 -11.17
N GLN A 72 -0.38 -22.77 -11.10
CA GLN A 72 -1.09 -23.71 -10.23
C GLN A 72 -0.86 -23.35 -8.77
N TRP A 73 0.38 -22.98 -8.42
CA TRP A 73 0.68 -22.55 -7.05
C TRP A 73 -0.23 -21.43 -6.59
N PHE A 74 -0.48 -20.47 -7.47
CA PHE A 74 -1.30 -19.33 -7.08
C PHE A 74 -2.75 -19.74 -6.95
N ARG A 75 -3.20 -20.69 -7.78
CA ARG A 75 -4.57 -21.19 -7.66
C ARG A 75 -4.79 -21.84 -6.30
N VAL A 76 -3.87 -22.72 -5.90
CA VAL A 76 -3.98 -23.40 -4.62
C VAL A 76 -3.86 -22.42 -3.46
N SER A 77 -2.87 -21.53 -3.54
CA SER A 77 -2.63 -20.54 -2.50
C SER A 77 -3.81 -19.60 -2.31
N LEU A 78 -4.43 -19.13 -3.42
CA LEU A 78 -5.64 -18.33 -3.28
C LEU A 78 -6.75 -19.07 -2.55
N ARG A 79 -6.93 -20.35 -2.89
CA ARG A 79 -7.98 -21.16 -2.26
C ARG A 79 -7.69 -21.40 -0.78
N ASN A 80 -6.46 -21.70 -0.42
CA ASN A 80 -6.18 -21.84 1.00
C ASN A 80 -6.56 -20.57 1.74
N LEU A 81 -6.09 -19.42 1.24
CA LEU A 81 -6.41 -18.14 1.90
C LEU A 81 -7.92 -17.90 1.93
N LEU A 82 -8.64 -18.24 0.85
CA LEU A 82 -10.09 -18.13 0.85
C LEU A 82 -10.68 -18.94 1.99
N GLY A 83 -10.15 -20.15 2.20
CA GLY A 83 -10.54 -20.99 3.32
C GLY A 83 -10.27 -20.34 4.66
N TYR A 84 -9.03 -19.89 4.87
CA TYR A 84 -8.60 -19.40 6.16
C TYR A 84 -9.47 -18.28 6.67
N TYR A 85 -9.91 -17.39 5.79
CA TYR A 85 -10.67 -16.23 6.23
C TYR A 85 -12.17 -16.47 6.24
N ASN A 86 -12.61 -17.67 5.85
CA ASN A 86 -14.03 -17.99 5.75
C ASN A 86 -14.74 -16.97 4.87
N GLN A 87 -14.12 -16.69 3.74
CA GLN A 87 -14.63 -15.68 2.85
C GLN A 87 -15.58 -16.35 1.87
N SER A 88 -16.34 -15.54 1.16
CA SER A 88 -17.26 -16.10 0.20
C SER A 88 -16.61 -16.30 -1.15
N ALA A 89 -17.11 -17.28 -1.87
CA ALA A 89 -16.49 -17.66 -3.12
C ALA A 89 -17.06 -16.84 -4.26
N GLY A 90 -18.08 -16.04 -3.99
CA GLY A 90 -18.80 -15.18 -4.92
C GLY A 90 -18.19 -13.82 -5.14
N GLY A 91 -17.04 -13.56 -4.53
CA GLY A 91 -16.35 -12.29 -4.65
C GLY A 91 -15.09 -12.52 -5.46
N SER A 92 -14.48 -11.43 -5.87
CA SER A 92 -13.18 -11.47 -6.52
C SER A 92 -12.06 -11.18 -5.51
N HIS A 93 -10.96 -11.91 -5.63
CA HIS A 93 -9.81 -11.74 -4.73
C HIS A 93 -8.51 -11.76 -5.51
N THR A 94 -7.45 -11.17 -4.93
CA THR A 94 -6.18 -10.95 -5.62
C THR A 94 -4.99 -11.45 -4.77
N LEU A 95 -4.07 -12.22 -5.39
CA LEU A 95 -2.85 -12.70 -4.74
C LEU A 95 -1.66 -12.19 -5.56
N GLN A 96 -0.72 -11.51 -4.89
CA GLN A 96 0.45 -10.95 -5.58
C GLN A 96 1.80 -11.34 -5.00
N GLN A 97 2.79 -11.30 -5.88
CA GLN A 97 4.19 -11.55 -5.61
C GLN A 97 4.98 -10.54 -6.43
N MET A 98 6.12 -10.15 -5.87
CA MET A 98 7.11 -9.32 -6.53
C MET A 98 8.46 -9.83 -6.01
N SER A 99 9.43 -10.05 -6.89
CA SER A 99 10.73 -10.50 -6.44
C SER A 99 11.66 -9.69 -7.30
N GLY A 100 12.94 -9.76 -6.97
CA GLY A 100 13.94 -9.07 -7.74
C GLY A 100 14.98 -8.50 -6.81
N CYS A 101 15.74 -7.55 -7.36
CA CYS A 101 16.92 -7.01 -6.69
C CYS A 101 17.03 -5.56 -7.08
N ASP A 102 17.58 -4.76 -6.17
CA ASP A 102 17.94 -3.37 -6.40
C ASP A 102 19.44 -3.18 -6.49
N LEU A 103 19.88 -2.51 -7.54
CA LEU A 103 21.27 -2.20 -7.78
C LEU A 103 21.49 -0.71 -7.66
N GLY A 104 22.55 -0.34 -6.97
CA GLY A 104 22.95 1.03 -6.82
C GLY A 104 23.69 1.46 -8.05
N SER A 105 24.10 2.72 -8.06
CA SER A 105 24.78 3.19 -9.26
C SER A 105 26.16 2.57 -9.38
N ASP A 106 26.65 1.92 -8.32
CA ASP A 106 27.92 1.20 -8.38
C ASP A 106 27.73 -0.29 -8.65
N TRP A 107 26.51 -0.74 -8.98
CA TRP A 107 26.20 -2.13 -9.34
C TRP A 107 26.36 -3.11 -8.18
N ARG A 108 26.41 -2.62 -6.95
CA ARG A 108 26.28 -3.50 -5.81
C ARG A 108 24.82 -3.92 -5.66
N LEU A 109 24.60 -5.11 -5.12
CA LEU A 109 23.26 -5.47 -4.70
C LEU A 109 22.91 -4.66 -3.45
N LEU A 110 21.86 -3.85 -3.54
CA LEU A 110 21.41 -3.06 -2.39
C LEU A 110 20.36 -3.73 -1.53
N ARG A 111 19.39 -4.40 -2.16
CA ARG A 111 18.35 -5.20 -1.52
C ARG A 111 17.81 -6.23 -2.49
N GLY A 112 17.54 -7.41 -1.95
CA GLY A 112 16.81 -8.43 -2.66
C GLY A 112 15.39 -8.44 -2.10
N TYR A 113 14.44 -8.78 -2.95
CA TYR A 113 13.04 -8.78 -2.55
C TYR A 113 12.35 -10.10 -2.85
N LEU A 114 11.52 -10.51 -1.88
CA LEU A 114 10.61 -11.63 -2.07
C LEU A 114 9.46 -11.32 -1.10
N GLN A 115 8.33 -10.99 -1.64
CA GLN A 115 7.25 -10.63 -0.80
C GLN A 115 5.98 -10.97 -1.38
N PHE A 116 4.97 -11.17 -0.55
CA PHE A 116 3.66 -11.55 -1.05
C PHE A 116 2.63 -10.63 -0.43
N ALA A 117 1.59 -10.35 -1.18
CA ALA A 117 0.46 -9.62 -0.68
C ALA A 117 -0.84 -10.26 -1.07
N TYR A 118 -1.81 -10.21 -0.16
CA TYR A 118 -3.16 -10.63 -0.46
C TYR A 118 -4.10 -9.44 -0.28
N GLU A 119 -4.98 -9.24 -1.25
CA GLU A 119 -5.88 -8.09 -1.29
C GLU A 119 -5.13 -6.75 -1.15
N GLY A 120 -3.96 -6.68 -1.74
CA GLY A 120 -3.24 -5.43 -1.77
C GLY A 120 -2.56 -5.04 -0.48
N ARG A 121 -2.49 -5.91 0.51
CA ARG A 121 -1.81 -5.62 1.75
C ARG A 121 -0.65 -6.57 1.95
N ASP A 122 0.49 -6.06 2.43
CA ASP A 122 1.59 -6.95 2.80
C ASP A 122 1.05 -8.13 3.57
N TYR A 123 1.46 -9.32 3.13
CA TYR A 123 1.11 -10.57 3.79
C TYR A 123 2.40 -11.05 4.45
N ILE A 124 3.40 -11.39 3.67
CA ILE A 124 4.68 -11.74 4.26
C ILE A 124 5.74 -11.21 3.31
N ALA A 125 6.85 -10.77 3.89
CA ALA A 125 7.93 -10.27 3.07
C ALA A 125 9.27 -10.70 3.63
N LEU A 126 10.19 -10.97 2.71
CA LEU A 126 11.56 -11.25 3.11
C LEU A 126 12.24 -9.92 3.43
N ASN A 127 12.84 -9.86 4.61
CA ASN A 127 13.52 -8.64 5.00
C ASN A 127 14.77 -8.44 4.18
N GLU A 128 15.33 -7.24 4.33
CA GLU A 128 16.49 -6.81 3.58
C GLU A 128 17.70 -7.70 3.83
N ASP A 129 17.80 -8.27 5.04
CA ASP A 129 18.87 -9.21 5.36
C ASP A 129 18.84 -10.52 4.56
N LEU A 130 17.73 -10.85 3.90
CA LEU A 130 17.53 -12.11 3.17
C LEU A 130 17.65 -13.33 4.07
N LYS A 131 17.33 -13.15 5.35
CA LYS A 131 17.43 -14.23 6.30
C LYS A 131 16.13 -14.29 7.06
N THR A 132 15.43 -13.18 7.21
CA THR A 132 14.23 -13.20 8.03
C THR A 132 13.02 -12.62 7.32
N TRP A 133 11.87 -13.01 7.83
CA TRP A 133 10.53 -12.82 7.30
C TRP A 133 9.73 -11.88 8.16
N THR A 134 9.00 -10.99 7.52
CA THR A 134 8.18 -10.06 8.27
C THR A 134 6.79 -10.41 7.80
N ALA A 135 5.95 -10.82 8.76
CA ALA A 135 4.58 -11.25 8.51
C ALA A 135 3.65 -10.14 8.94
N ALA A 136 3.06 -9.44 7.96
CA ALA A 136 2.23 -8.29 8.27
C ALA A 136 1.02 -8.70 9.06
N ASP A 137 0.34 -9.76 8.63
CA ASP A 137 -0.90 -10.19 9.25
C ASP A 137 -0.79 -11.58 9.85
N MET A 138 -1.15 -11.72 11.12
CA MET A 138 -1.16 -12.98 11.89
C MET A 138 -1.31 -14.32 11.17
N ALA A 139 -2.28 -14.44 10.26
CA ALA A 139 -2.30 -15.56 9.34
C ALA A 139 -0.91 -16.00 8.89
N ALA A 140 -0.11 -15.05 8.42
CA ALA A 140 1.23 -15.25 7.92
C ALA A 140 2.23 -15.68 8.98
N GLN A 141 1.93 -15.44 10.27
CA GLN A 141 2.85 -15.86 11.31
C GLN A 141 3.02 -17.36 11.35
N ILE A 142 2.00 -18.10 10.93
CA ILE A 142 2.11 -19.55 10.82
C ILE A 142 3.12 -19.91 9.73
N THR A 143 2.97 -19.29 8.56
CA THR A 143 3.90 -19.44 7.43
C THR A 143 5.32 -19.05 7.79
N ARG A 144 5.47 -17.91 8.47
CA ARG A 144 6.81 -17.46 8.87
C ARG A 144 7.53 -18.56 9.65
N ARG A 145 6.88 -19.12 10.69
CA ARG A 145 7.50 -20.21 11.42
C ARG A 145 7.87 -21.33 10.47
N LYS A 146 7.02 -21.61 9.53
CA LYS A 146 7.36 -22.64 8.60
C LYS A 146 8.58 -22.29 7.77
N TRP A 147 8.70 -21.03 7.34
CA TRP A 147 9.78 -20.72 6.43
C TRP A 147 11.06 -20.23 7.10
N GLU A 148 11.09 -20.20 8.43
CA GLU A 148 12.25 -19.86 9.23
C GLU A 148 12.84 -21.17 9.71
N GLN A 149 11.98 -21.98 10.33
CA GLN A 149 12.42 -23.24 10.89
C GLN A 149 12.92 -24.11 9.77
N SER A 150 12.15 -24.20 8.68
CA SER A 150 12.56 -24.99 7.53
C SER A 150 13.79 -24.39 6.90
N GLY A 151 14.03 -23.13 7.20
CA GLY A 151 15.12 -22.33 6.75
C GLY A 151 15.12 -22.27 5.24
N ALA A 152 14.03 -21.74 4.69
CA ALA A 152 13.95 -21.65 3.25
C ALA A 152 14.42 -20.28 2.82
N ALA A 153 15.06 -19.53 3.74
CA ALA A 153 15.63 -18.23 3.43
C ALA A 153 16.82 -18.30 2.48
N GLU A 154 17.76 -19.15 2.72
CA GLU A 154 18.91 -19.12 1.86
C GLU A 154 18.52 -19.49 0.42
N HIS A 155 17.46 -20.27 0.24
CA HIS A 155 17.07 -20.70 -1.10
C HIS A 155 16.92 -19.49 -2.05
N TYR A 156 15.96 -18.66 -1.69
CA TYR A 156 15.74 -17.43 -2.41
C TYR A 156 16.87 -16.43 -2.32
N LYS A 157 17.55 -16.34 -1.19
CA LYS A 157 18.65 -15.40 -1.04
C LYS A 157 19.75 -15.62 -2.04
N ALA A 158 20.08 -16.87 -2.27
CA ALA A 158 21.11 -17.16 -3.22
C ALA A 158 20.72 -16.70 -4.57
N TYR A 159 19.48 -16.98 -4.97
CA TYR A 159 19.09 -16.51 -6.30
C TYR A 159 19.12 -15.04 -6.42
N LEU A 160 18.64 -14.33 -5.42
CA LEU A 160 18.63 -12.88 -5.53
C LEU A 160 20.01 -12.31 -5.65
N GLU A 161 20.95 -12.84 -4.88
CA GLU A 161 22.35 -12.41 -4.89
C GLU A 161 23.12 -12.80 -6.14
N GLY A 162 22.66 -13.86 -6.76
CA GLY A 162 23.29 -14.48 -7.89
C GLY A 162 22.59 -14.19 -9.20
N GLU A 163 21.61 -15.03 -9.55
CA GLU A 163 20.97 -14.96 -10.86
C GLU A 163 20.29 -13.61 -11.08
N CYS A 164 19.62 -13.07 -10.05
CA CYS A 164 18.91 -11.82 -10.25
C CYS A 164 19.89 -10.76 -10.71
N VAL A 165 21.05 -10.71 -10.06
CA VAL A 165 22.02 -9.67 -10.35
C VAL A 165 22.75 -10.00 -11.63
N GLU A 166 22.97 -11.28 -11.93
CA GLU A 166 23.67 -11.59 -13.17
C GLU A 166 22.80 -11.27 -14.37
N TRP A 167 21.51 -11.62 -14.33
CA TRP A 167 20.66 -11.35 -15.48
C TRP A 167 20.37 -9.87 -15.63
N LEU A 168 20.27 -9.13 -14.52
CA LEU A 168 20.06 -7.69 -14.63
C LEU A 168 21.27 -7.03 -15.31
N HIS A 169 22.50 -7.44 -14.94
CA HIS A 169 23.70 -6.95 -15.61
C HIS A 169 23.70 -7.31 -17.09
N ARG A 170 23.29 -8.53 -17.41
CA ARG A 170 23.19 -8.95 -18.80
C ARG A 170 22.28 -8.02 -19.60
N TYR A 171 21.09 -7.73 -19.06
CA TYR A 171 20.13 -6.86 -19.74
C TYR A 171 20.65 -5.44 -19.94
N LEU A 172 21.22 -4.85 -18.88
CA LEU A 172 21.82 -3.52 -19.00
C LEU A 172 22.87 -3.44 -20.12
N LYS A 173 23.72 -4.46 -20.27
CA LYS A 173 24.71 -4.45 -21.33
C LYS A 173 24.03 -4.54 -22.69
N ASN A 174 23.08 -5.47 -22.81
CA ASN A 174 22.35 -5.73 -24.06
C ASN A 174 21.40 -4.59 -24.40
N GLY A 175 20.94 -3.85 -23.40
CA GLY A 175 19.96 -2.80 -23.57
C GLY A 175 20.49 -1.41 -23.31
N ASN A 176 21.81 -1.26 -23.15
CA ASN A 176 22.50 -0.05 -22.69
C ASN A 176 21.85 1.23 -23.17
N ALA A 177 21.87 1.47 -24.50
CA ALA A 177 21.37 2.72 -25.03
C ALA A 177 20.02 3.12 -24.43
N THR A 178 19.05 2.20 -24.33
CA THR A 178 17.81 2.76 -23.79
C THR A 178 17.84 2.77 -22.26
N LEU A 179 18.31 1.68 -21.62
CA LEU A 179 18.37 1.63 -20.17
C LEU A 179 19.41 2.55 -19.52
N LEU A 180 20.54 2.84 -20.21
CA LEU A 180 21.59 3.67 -19.62
C LEU A 180 21.58 5.12 -20.10
N ARG A 181 20.70 5.45 -21.01
CA ARG A 181 20.64 6.78 -21.60
C ARG A 181 20.14 7.74 -20.55
N THR A 182 20.68 8.94 -20.53
CA THR A 182 19.97 9.87 -19.70
C THR A 182 19.52 10.95 -20.67
N ASP A 183 18.42 11.60 -20.33
CA ASP A 183 17.99 12.81 -20.98
C ASP A 183 17.92 13.92 -19.96
N SER A 184 18.51 15.05 -20.27
CA SER A 184 18.44 16.12 -19.32
C SER A 184 17.01 16.63 -19.40
N PRO A 185 16.47 17.09 -18.27
CA PRO A 185 15.14 17.72 -18.29
C PRO A 185 15.16 19.08 -18.95
N LYS A 186 14.08 19.36 -19.66
CA LYS A 186 13.90 20.70 -20.20
C LYS A 186 12.93 21.40 -19.26
N ALA A 187 13.40 22.51 -18.70
CA ALA A 187 12.74 23.19 -17.62
C ALA A 187 12.32 24.58 -18.05
N HIS A 188 11.18 25.01 -17.52
CA HIS A 188 10.76 26.39 -17.63
C HIS A 188 9.83 26.70 -16.47
N VAL A 189 9.62 27.99 -16.23
CA VAL A 189 8.74 28.46 -15.17
C VAL A 189 7.60 29.19 -15.85
N THR A 190 6.38 28.84 -15.49
CA THR A 190 5.21 29.57 -15.93
C THR A 190 4.64 30.37 -14.78
N HIS A 191 3.75 31.28 -15.14
CA HIS A 191 3.27 32.30 -14.23
C HIS A 191 1.76 32.33 -14.30
N HIS A 192 1.11 32.16 -13.16
CA HIS A 192 -0.32 32.08 -13.20
C HIS A 192 -0.97 32.92 -12.12
N PRO A 193 -2.06 33.60 -12.46
CA PRO A 193 -2.83 34.33 -11.47
C PRO A 193 -3.50 33.32 -10.54
N ARG A 194 -3.84 33.78 -9.36
CA ARG A 194 -4.51 32.95 -8.41
C ARG A 194 -5.66 33.77 -7.91
N SER A 195 -5.34 34.85 -7.24
CA SER A 195 -6.35 35.74 -6.70
C SER A 195 -5.82 37.14 -6.82
N LYS A 196 -6.59 38.11 -6.36
CA LYS A 196 -6.10 39.47 -6.36
C LYS A 196 -4.84 39.52 -5.48
N GLY A 197 -3.77 40.09 -6.01
CA GLY A 197 -2.53 40.19 -5.27
C GLY A 197 -1.69 38.94 -5.08
N GLU A 198 -2.10 37.76 -5.58
CA GLU A 198 -1.30 36.54 -5.43
C GLU A 198 -1.18 35.77 -6.73
N VAL A 199 -0.02 35.13 -6.92
CA VAL A 199 0.21 34.32 -8.12
C VAL A 199 0.82 32.96 -7.81
N THR A 200 0.70 32.06 -8.79
CA THR A 200 1.30 30.73 -8.74
C THR A 200 2.50 30.76 -9.67
N LEU A 201 3.66 30.35 -9.17
CA LEU A 201 4.79 30.04 -10.04
C LEU A 201 4.80 28.53 -10.13
N ARG A 202 4.90 28.01 -11.34
CA ARG A 202 4.88 26.57 -11.57
C ARG A 202 6.15 26.21 -12.33
N CYS A 203 6.96 25.35 -11.72
CA CYS A 203 8.23 24.92 -12.29
C CYS A 203 8.10 23.58 -13.01
N TRP A 204 8.38 23.59 -14.31
CA TRP A 204 8.22 22.44 -15.20
C TRP A 204 9.55 21.78 -15.53
N ALA A 205 9.59 20.46 -15.47
CA ALA A 205 10.67 19.66 -16.02
C ALA A 205 10.08 18.68 -17.03
N LEU A 206 10.52 18.76 -18.28
CA LEU A 206 9.93 17.95 -19.32
C LEU A 206 10.98 17.10 -20.04
N GLY A 207 10.60 15.91 -20.49
CA GLY A 207 11.44 15.11 -21.38
C GLY A 207 12.66 14.41 -20.79
N PHE A 208 12.65 14.10 -19.50
CA PHE A 208 13.85 13.53 -18.90
C PHE A 208 13.76 12.02 -18.68
N TYR A 209 14.93 11.40 -18.62
CA TYR A 209 15.01 10.00 -18.34
C TYR A 209 16.37 9.79 -17.70
N PRO A 210 16.45 9.04 -16.58
CA PRO A 210 15.35 8.31 -15.92
C PRO A 210 14.35 9.22 -15.21
N ALA A 211 13.36 8.61 -14.56
CA ALA A 211 12.26 9.33 -13.91
C ALA A 211 12.66 10.04 -12.62
N ASP A 212 13.68 9.55 -11.91
CA ASP A 212 14.12 10.20 -10.69
C ASP A 212 14.46 11.66 -10.95
N ILE A 213 13.94 12.55 -10.10
CA ILE A 213 14.17 13.97 -10.25
C ILE A 213 13.75 14.60 -8.94
N THR A 214 14.34 15.74 -8.62
CA THR A 214 13.94 16.52 -7.46
C THR A 214 13.68 17.95 -7.89
N LEU A 215 12.50 18.46 -7.57
CA LEU A 215 12.14 19.86 -7.80
C LEU A 215 11.96 20.54 -6.46
N THR A 216 12.60 21.68 -6.33
CA THR A 216 12.57 22.50 -5.14
C THR A 216 12.33 23.95 -5.53
N TRP A 217 11.73 24.68 -4.61
CA TRP A 217 11.57 26.12 -4.76
C TRP A 217 12.43 26.75 -3.67
N GLN A 218 13.04 27.89 -3.98
CA GLN A 218 13.90 28.52 -3.00
C GLN A 218 13.55 29.99 -2.90
N LEU A 219 13.59 30.55 -1.67
CA LEU A 219 13.44 31.97 -1.43
C LEU A 219 14.66 32.68 -0.82
N ASN A 220 15.13 33.75 -1.46
CA ASN A 220 16.51 34.24 -1.29
C ASN A 220 17.55 33.12 -1.35
N GLY A 221 17.21 32.03 -2.02
CA GLY A 221 18.10 30.91 -2.21
C GLY A 221 18.03 29.93 -1.06
N GLU A 222 16.94 29.98 -0.29
CA GLU A 222 16.66 29.12 0.84
C GLU A 222 15.51 28.24 0.38
N GLU A 223 15.73 26.95 0.26
CA GLU A 223 14.69 26.08 -0.26
C GLU A 223 13.54 25.97 0.73
N LEU A 224 12.40 26.61 0.42
CA LEU A 224 11.26 26.30 1.24
C LEU A 224 10.73 24.94 0.84
N THR A 225 9.84 24.45 1.70
CA THR A 225 9.16 23.19 1.51
C THR A 225 7.68 23.28 1.73
N GLN A 226 7.29 23.87 2.84
CA GLN A 226 5.86 23.96 3.15
C GLN A 226 5.15 24.82 2.15
N ASP A 227 3.89 24.51 1.93
CA ASP A 227 3.09 25.23 0.96
C ASP A 227 3.59 25.14 -0.46
N MET A 228 4.13 23.99 -0.80
CA MET A 228 4.60 23.72 -2.13
C MET A 228 3.74 22.63 -2.70
N GLU A 229 3.27 22.80 -3.93
CA GLU A 229 2.41 21.83 -4.56
C GLU A 229 3.24 21.08 -5.53
N LEU A 230 3.10 19.77 -5.51
CA LEU A 230 3.90 18.93 -6.37
C LEU A 230 2.95 17.86 -6.93
N VAL A 231 3.38 17.17 -8.00
CA VAL A 231 2.58 16.11 -8.64
C VAL A 231 3.47 14.90 -8.81
N GLU A 232 2.89 13.71 -8.63
CA GLU A 232 3.62 12.47 -8.88
C GLU A 232 4.21 12.45 -10.30
N THR A 233 5.51 12.16 -10.37
CA THR A 233 6.26 12.13 -11.64
C THR A 233 5.46 11.35 -12.70
N ARG A 234 5.41 11.85 -13.92
CA ARG A 234 4.48 11.17 -14.81
C ARG A 234 5.13 10.90 -16.17
N PRO A 235 4.73 9.80 -16.84
CA PRO A 235 5.30 9.47 -18.15
C PRO A 235 4.79 10.41 -19.22
N ALA A 236 5.70 10.83 -20.09
CA ALA A 236 5.31 11.64 -21.22
C ALA A 236 4.63 10.84 -22.31
N GLY A 237 4.84 9.54 -22.31
CA GLY A 237 4.28 8.62 -23.27
C GLY A 237 5.23 8.30 -24.38
N ASP A 238 6.39 8.95 -24.41
CA ASP A 238 7.39 8.74 -25.45
C ASP A 238 8.67 8.15 -24.86
N GLY A 239 8.62 7.65 -23.62
CA GLY A 239 9.78 7.10 -22.97
C GLY A 239 10.40 8.02 -21.95
N THR A 240 10.05 9.32 -21.97
CA THR A 240 10.57 10.30 -21.03
C THR A 240 9.51 10.68 -20.01
N PHE A 241 9.89 11.57 -19.09
CA PHE A 241 9.06 11.88 -17.95
C PHE A 241 8.84 13.37 -17.75
N GLN A 242 7.82 13.66 -16.94
CA GLN A 242 7.41 15.01 -16.61
C GLN A 242 7.23 15.09 -15.09
N LYS A 243 7.33 16.30 -14.56
CA LYS A 243 7.01 16.63 -13.17
C LYS A 243 6.85 18.15 -13.08
N TRP A 244 6.03 18.62 -12.15
CA TRP A 244 6.11 20.04 -11.84
C TRP A 244 5.94 20.31 -10.34
N ALA A 245 6.41 21.50 -9.94
CA ALA A 245 6.25 22.01 -8.59
C ALA A 245 5.73 23.43 -8.66
N SER A 246 4.71 23.77 -7.88
CA SER A 246 4.24 25.14 -7.94
C SER A 246 4.23 25.68 -6.53
N VAL A 247 4.35 27.01 -6.45
CA VAL A 247 4.27 27.73 -5.18
C VAL A 247 3.50 29.03 -5.40
N VAL A 248 2.71 29.45 -4.40
CA VAL A 248 2.03 30.74 -4.39
C VAL A 248 2.89 31.81 -3.72
N VAL A 249 3.14 32.91 -4.42
CA VAL A 249 4.01 33.98 -3.95
C VAL A 249 3.21 35.27 -4.12
N PRO A 250 3.47 36.30 -3.30
CA PRO A 250 2.73 37.56 -3.45
C PRO A 250 3.10 38.22 -4.76
N LEU A 251 2.11 38.86 -5.36
CA LEU A 251 2.36 39.64 -6.56
C LEU A 251 3.58 40.55 -6.29
N GLY A 252 4.53 40.49 -7.23
CA GLY A 252 5.68 41.36 -7.22
C GLY A 252 6.91 40.82 -6.51
N LYS A 253 6.85 39.66 -5.88
CA LYS A 253 8.00 39.11 -5.16
C LYS A 253 8.60 37.94 -5.93
N GLU A 254 8.04 37.68 -7.11
CA GLU A 254 8.40 36.55 -7.96
C GLU A 254 9.90 36.38 -8.16
N GLN A 255 10.65 37.46 -8.21
CA GLN A 255 12.05 37.28 -8.53
C GLN A 255 12.86 36.79 -7.34
N ASN A 256 12.28 36.76 -6.15
CA ASN A 256 12.96 36.20 -4.98
C ASN A 256 12.86 34.70 -4.93
N TYR A 257 12.12 34.11 -5.85
CA TYR A 257 11.85 32.69 -5.88
C TYR A 257 12.64 32.00 -6.97
N THR A 258 13.21 30.84 -6.60
CA THR A 258 14.04 30.05 -7.47
C THR A 258 13.64 28.59 -7.42
N CYS A 259 13.56 27.98 -8.59
CA CYS A 259 13.27 26.57 -8.73
C CYS A 259 14.61 25.91 -9.00
N ARG A 260 14.81 24.74 -8.42
CA ARG A 260 16.01 23.98 -8.60
C ARG A 260 15.63 22.62 -9.08
N VAL A 261 16.36 22.09 -10.05
CA VAL A 261 16.13 20.81 -10.68
C VAL A 261 17.40 19.99 -10.50
N TYR A 262 17.25 18.80 -9.94
CA TYR A 262 18.37 17.90 -9.71
C TYR A 262 18.03 16.65 -10.51
N HIS A 263 18.91 16.26 -11.44
CA HIS A 263 18.59 15.10 -12.25
C HIS A 263 19.89 14.50 -12.74
N GLU A 264 19.90 13.16 -12.83
CA GLU A 264 21.10 12.44 -13.22
C GLU A 264 21.68 13.02 -14.51
N GLY A 265 20.83 13.34 -15.48
CA GLY A 265 21.34 13.82 -16.75
C GLY A 265 21.87 15.22 -16.71
N LEU A 266 21.61 15.98 -15.62
CA LEU A 266 22.20 17.30 -15.70
C LEU A 266 23.64 17.27 -15.16
N PRO A 267 24.55 18.02 -15.78
CA PRO A 267 25.92 18.10 -15.26
C PRO A 267 26.06 19.04 -14.09
N GLU A 268 25.04 19.84 -13.80
CA GLU A 268 25.08 20.82 -12.73
C GLU A 268 23.60 21.12 -12.48
N PRO A 269 23.14 21.17 -11.22
CA PRO A 269 21.73 21.49 -10.95
C PRO A 269 21.29 22.76 -11.65
N LEU A 270 20.03 22.76 -12.10
CA LEU A 270 19.51 23.94 -12.78
C LEU A 270 18.93 24.92 -11.78
N THR A 271 19.06 26.19 -12.12
CA THR A 271 18.50 27.29 -11.36
C THR A 271 17.74 28.24 -12.26
N LEU A 272 16.46 28.36 -11.99
CA LEU A 272 15.53 29.13 -12.80
C LEU A 272 14.81 30.14 -11.93
N ARG A 273 14.41 31.23 -12.57
CA ARG A 273 13.50 32.19 -11.98
C ARG A 273 12.43 32.40 -13.04
N TRP A 274 11.29 32.87 -12.60
CA TRP A 274 10.29 33.32 -13.56
C TRP A 274 10.85 34.52 -14.32
N GLU A 275 10.77 34.42 -15.64
CA GLU A 275 11.27 35.48 -16.48
C GLU A 275 10.14 36.07 -17.26
N PRO A 276 9.61 37.20 -16.79
CA PRO A 276 8.51 37.87 -17.45
C PRO A 276 8.94 38.38 -18.80
N SER A 277 8.05 38.27 -19.78
CA SER A 277 8.31 38.75 -21.13
C SER A 277 9.59 38.16 -21.69
N SER A 278 10.42 39.03 -22.24
CA SER A 278 11.68 38.65 -22.84
C SER A 278 11.53 37.49 -23.81
N ILE B 1 -7.83 -1.41 2.52
CA ILE B 1 -7.49 -2.50 1.61
C ILE B 1 -7.58 -2.03 0.15
N GLN B 2 -8.80 -1.72 -0.25
CA GLN B 2 -9.07 -1.09 -1.55
C GLN B 2 -8.50 0.31 -1.63
N ARG B 3 -8.00 0.69 -2.81
CA ARG B 3 -7.33 1.97 -2.97
C ARG B 3 -7.79 2.66 -4.25
N THR B 4 -8.20 3.91 -4.07
CA THR B 4 -8.71 4.80 -5.12
C THR B 4 -7.61 5.21 -6.10
N PRO B 5 -7.91 5.20 -7.41
CA PRO B 5 -6.94 5.63 -8.42
C PRO B 5 -6.54 7.10 -8.32
N LYS B 6 -5.23 7.32 -8.52
CA LYS B 6 -4.60 8.64 -8.56
C LYS B 6 -4.42 9.02 -10.03
N ILE B 7 -5.11 10.07 -10.46
CA ILE B 7 -5.45 10.28 -11.86
C ILE B 7 -4.89 11.62 -12.32
N GLN B 8 -4.06 11.62 -13.36
CA GLN B 8 -3.49 12.85 -13.91
C GLN B 8 -3.79 12.93 -15.40
N VAL B 9 -4.19 14.12 -15.85
CA VAL B 9 -4.58 14.34 -17.24
C VAL B 9 -3.69 15.47 -17.76
N TYR B 10 -2.99 15.21 -18.86
CA TYR B 10 -1.98 16.12 -19.34
C TYR B 10 -1.63 15.90 -20.79
N SER B 11 -0.79 16.79 -21.30
CA SER B 11 -0.34 16.79 -22.67
C SER B 11 1.10 16.27 -22.68
N ARG B 12 1.44 15.48 -23.69
CA ARG B 12 2.80 14.96 -23.78
C ARG B 12 3.81 16.09 -23.91
N HIS B 13 3.71 16.83 -25.01
CA HIS B 13 4.35 18.09 -25.31
C HIS B 13 3.49 19.20 -24.73
N PRO B 14 4.06 20.37 -24.47
CA PRO B 14 3.22 21.47 -23.97
C PRO B 14 2.20 21.90 -25.01
N ALA B 15 0.97 22.09 -24.52
CA ALA B 15 -0.18 22.36 -25.36
C ALA B 15 0.03 23.56 -26.26
N GLU B 16 0.03 23.32 -27.57
CA GLU B 16 -0.10 24.39 -28.57
C GLU B 16 -1.12 23.93 -29.58
N ASN B 17 -2.00 24.85 -29.97
CA ASN B 17 -3.03 24.55 -30.96
C ASN B 17 -2.34 24.28 -32.28
N GLY B 18 -2.84 23.31 -33.01
CA GLY B 18 -2.23 22.99 -34.28
C GLY B 18 -1.06 22.07 -34.07
N LYS B 19 -0.47 21.64 -35.17
CA LYS B 19 0.64 20.71 -35.19
C LYS B 19 0.31 19.43 -34.44
N SER B 20 1.20 18.95 -33.59
CA SER B 20 0.89 17.70 -32.92
C SER B 20 1.49 17.46 -31.56
N ASN B 21 0.83 16.55 -30.87
CA ASN B 21 1.24 16.07 -29.55
C ASN B 21 0.05 15.25 -29.05
N PHE B 22 0.24 14.55 -27.93
CA PHE B 22 -0.81 13.66 -27.48
C PHE B 22 -1.32 14.05 -26.10
N LEU B 23 -2.44 13.42 -25.78
CA LEU B 23 -3.17 13.63 -24.53
C LEU B 23 -3.09 12.34 -23.75
N ASN B 24 -2.63 12.43 -22.52
CA ASN B 24 -2.39 11.28 -21.66
C ASN B 24 -3.32 11.35 -20.47
N CYS B 25 -3.84 10.20 -20.09
CA CYS B 25 -4.51 10.02 -18.82
C CYS B 25 -3.74 8.93 -18.10
N TYR B 26 -3.12 9.29 -16.97
CA TYR B 26 -2.32 8.38 -16.18
C TYR B 26 -3.06 7.98 -14.91
N VAL B 27 -3.42 6.70 -14.80
CA VAL B 27 -4.26 6.23 -13.70
C VAL B 27 -3.44 5.23 -12.90
N SER B 28 -3.11 5.60 -11.68
CA SER B 28 -2.04 5.00 -10.92
C SER B 28 -2.47 4.65 -9.51
N GLY B 29 -1.85 3.60 -8.96
CA GLY B 29 -1.96 3.30 -7.53
C GLY B 29 -3.27 2.79 -6.99
N PHE B 30 -4.05 2.12 -7.82
CA PHE B 30 -5.39 1.68 -7.47
C PHE B 30 -5.33 0.21 -7.16
N HIS B 31 -6.31 -0.25 -6.35
CA HIS B 31 -6.53 -1.65 -6.04
C HIS B 31 -7.95 -1.90 -5.59
N PRO B 32 -8.61 -3.00 -6.04
CA PRO B 32 -8.27 -4.04 -7.04
C PRO B 32 -8.18 -3.56 -8.51
N SER B 33 -7.70 -4.41 -9.44
CA SER B 33 -7.51 -4.03 -10.84
C SER B 33 -8.77 -3.93 -11.70
N ASP B 34 -9.91 -4.53 -11.34
CA ASP B 34 -11.09 -4.32 -12.18
C ASP B 34 -11.31 -2.81 -12.30
N ILE B 35 -11.51 -2.31 -13.52
CA ILE B 35 -11.65 -0.87 -13.70
C ILE B 35 -12.22 -0.56 -15.08
N GLU B 36 -12.83 0.61 -15.20
CA GLU B 36 -13.33 1.19 -16.43
C GLU B 36 -12.81 2.62 -16.59
N VAL B 37 -12.24 2.93 -17.76
CA VAL B 37 -11.59 4.21 -18.08
C VAL B 37 -11.96 4.65 -19.49
N ASP B 38 -12.44 5.88 -19.63
CA ASP B 38 -12.72 6.45 -20.94
C ASP B 38 -12.08 7.82 -21.05
N LEU B 39 -11.67 8.20 -22.27
CA LEU B 39 -11.40 9.62 -22.56
C LEU B 39 -12.65 10.29 -23.13
N LEU B 40 -12.90 11.52 -22.72
CA LEU B 40 -14.05 12.28 -23.19
C LEU B 40 -13.61 13.55 -23.87
N LYS B 41 -14.27 13.91 -24.94
CA LYS B 41 -14.11 15.24 -25.54
C LYS B 41 -15.53 15.78 -25.46
N ASN B 42 -15.70 16.86 -24.71
CA ASN B 42 -17.03 17.43 -24.45
C ASN B 42 -18.02 16.38 -23.96
N GLY B 43 -17.58 15.53 -23.05
CA GLY B 43 -18.50 14.57 -22.48
C GLY B 43 -18.74 13.34 -23.34
N GLU B 44 -18.16 13.31 -24.55
CA GLU B 44 -18.34 12.24 -25.52
C GLU B 44 -17.14 11.31 -25.45
N ARG B 45 -17.40 10.02 -25.43
CA ARG B 45 -16.30 9.07 -25.43
C ARG B 45 -15.46 9.30 -26.69
N ILE B 46 -14.16 9.41 -26.49
CA ILE B 46 -13.19 9.53 -27.56
C ILE B 46 -12.99 8.13 -28.13
N GLU B 47 -13.32 7.98 -29.41
CA GLU B 47 -13.41 6.67 -30.03
C GLU B 47 -12.05 6.06 -30.24
N LYS B 48 -11.07 6.86 -30.60
CA LYS B 48 -9.72 6.38 -30.83
C LYS B 48 -8.91 6.63 -29.57
N VAL B 49 -8.67 5.59 -28.79
CA VAL B 49 -7.71 5.68 -27.69
C VAL B 49 -6.67 4.64 -28.05
N GLU B 50 -5.51 5.11 -28.47
CA GLU B 50 -4.47 4.23 -28.98
C GLU B 50 -3.90 3.20 -28.03
N HIS B 51 -3.62 3.56 -26.79
CA HIS B 51 -3.04 2.58 -25.90
C HIS B 51 -3.65 2.45 -24.51
N SER B 52 -3.88 1.20 -24.11
CA SER B 52 -4.41 0.93 -22.78
C SER B 52 -3.58 -0.21 -22.20
N ASP B 53 -2.29 0.02 -22.06
CA ASP B 53 -1.38 -0.98 -21.51
C ASP B 53 -1.59 -1.10 -20.01
N LEU B 54 -1.43 -2.30 -19.46
CA LEU B 54 -1.59 -2.47 -18.02
C LEU B 54 -0.32 -2.99 -17.39
N SER B 55 0.10 -2.33 -16.32
CA SER B 55 1.29 -2.72 -15.59
C SER B 55 0.96 -2.44 -14.13
N PHE B 56 1.78 -2.96 -13.25
CA PHE B 56 1.66 -2.77 -11.82
C PHE B 56 2.91 -2.53 -10.98
N SER B 57 2.83 -1.56 -10.05
CA SER B 57 3.99 -1.07 -9.37
C SER B 57 4.20 -1.79 -8.03
N LYS B 58 5.29 -1.42 -7.35
CA LYS B 58 5.81 -2.02 -6.12
C LYS B 58 4.98 -1.97 -4.84
N ASP B 59 3.98 -1.10 -4.81
CA ASP B 59 3.11 -0.93 -3.66
C ASP B 59 1.83 -1.70 -3.87
N TRP B 60 1.91 -2.73 -4.71
CA TRP B 60 0.80 -3.61 -5.08
C TRP B 60 -0.37 -2.86 -5.69
N SER B 61 -0.08 -1.86 -6.51
CA SER B 61 -1.14 -1.10 -7.15
C SER B 61 -0.93 -1.09 -8.64
N PHE B 62 -1.99 -1.33 -9.39
CA PHE B 62 -1.95 -1.31 -10.84
C PHE B 62 -2.01 0.12 -11.37
N TYR B 63 -1.40 0.34 -12.54
CA TYR B 63 -1.38 1.67 -13.17
C TYR B 63 -1.51 1.48 -14.68
N LEU B 64 -2.36 2.26 -15.33
CA LEU B 64 -2.48 2.15 -16.78
C LEU B 64 -2.42 3.55 -17.41
N LEU B 65 -2.49 3.60 -18.75
CA LEU B 65 -2.19 4.82 -19.51
C LEU B 65 -3.04 4.86 -20.77
N TYR B 66 -3.87 5.89 -20.89
CA TYR B 66 -4.89 6.02 -21.94
C TYR B 66 -4.61 7.31 -22.69
N TYR B 67 -4.23 7.20 -23.97
CA TYR B 67 -3.70 8.36 -24.70
C TYR B 67 -3.92 8.26 -26.19
N THR B 68 -3.91 9.41 -26.89
CA THR B 68 -4.17 9.37 -28.32
C THR B 68 -3.70 10.63 -29.04
N GLU B 69 -3.74 10.58 -30.37
CA GLU B 69 -3.23 11.67 -31.19
C GLU B 69 -3.97 12.90 -30.79
N PHE B 70 -3.24 13.98 -30.59
CA PHE B 70 -3.88 15.17 -30.12
C PHE B 70 -3.44 16.53 -30.64
N THR B 71 -4.44 17.36 -30.92
CA THR B 71 -4.22 18.75 -31.30
C THR B 71 -5.29 19.49 -30.51
N PRO B 72 -4.87 20.27 -29.51
CA PRO B 72 -5.72 21.08 -28.62
C PRO B 72 -6.47 22.22 -29.30
N THR B 73 -7.74 22.33 -28.94
CA THR B 73 -8.63 23.37 -29.42
C THR B 73 -9.42 23.96 -28.25
N GLU B 74 -9.68 25.25 -28.35
CA GLU B 74 -10.37 25.99 -27.30
C GLU B 74 -11.82 25.55 -27.14
N LYS B 75 -12.53 25.30 -28.24
CA LYS B 75 -13.96 24.99 -28.14
C LYS B 75 -14.24 23.76 -27.31
N ASP B 76 -13.42 22.74 -27.46
CA ASP B 76 -13.65 21.48 -26.81
C ASP B 76 -13.27 21.48 -25.32
N GLU B 77 -13.65 20.39 -24.64
CA GLU B 77 -13.40 20.13 -23.22
C GLU B 77 -12.92 18.69 -23.06
N TYR B 78 -11.65 18.44 -23.34
CA TYR B 78 -11.18 17.09 -23.17
C TYR B 78 -11.21 16.72 -21.69
N ALA B 79 -11.37 15.43 -21.42
CA ALA B 79 -11.44 14.95 -20.05
C ALA B 79 -11.07 13.47 -20.04
N CYS B 80 -10.85 12.96 -18.85
CA CYS B 80 -10.68 11.55 -18.62
C CYS B 80 -11.75 11.08 -17.63
N ARG B 81 -12.42 9.97 -17.94
CA ARG B 81 -13.48 9.42 -17.10
C ARG B 81 -13.08 8.06 -16.55
N VAL B 82 -13.20 7.90 -15.22
CA VAL B 82 -12.83 6.68 -14.53
C VAL B 82 -13.98 6.14 -13.67
N ASN B 83 -14.25 4.82 -13.78
CA ASN B 83 -15.11 4.05 -12.89
C ASN B 83 -14.20 3.03 -12.23
N HIS B 84 -14.41 2.83 -10.95
CA HIS B 84 -13.57 1.95 -10.15
C HIS B 84 -14.40 1.50 -8.97
N VAL B 85 -14.05 0.34 -8.44
CA VAL B 85 -14.81 -0.20 -7.33
C VAL B 85 -14.85 0.75 -6.14
N THR B 86 -13.82 1.56 -5.98
CA THR B 86 -13.79 2.52 -4.88
C THR B 86 -14.63 3.76 -5.15
N LEU B 87 -15.13 3.94 -6.38
CA LEU B 87 -15.81 5.15 -6.83
C LEU B 87 -17.29 4.83 -7.06
N SER B 88 -18.16 5.37 -6.21
CA SER B 88 -19.58 5.04 -6.32
C SER B 88 -20.20 5.58 -7.61
N GLN B 89 -19.65 6.64 -8.16
CA GLN B 89 -19.97 7.20 -9.46
C GLN B 89 -18.69 7.30 -10.30
N PRO B 90 -18.78 7.28 -11.62
CA PRO B 90 -17.60 7.55 -12.45
C PRO B 90 -16.96 8.91 -12.10
N LYS B 91 -15.64 8.93 -12.05
CA LYS B 91 -14.85 10.12 -11.75
C LYS B 91 -14.35 10.78 -13.04
N ILE B 92 -14.64 12.07 -13.24
CA ILE B 92 -14.22 12.82 -14.43
C ILE B 92 -13.18 13.87 -14.05
N VAL B 93 -11.99 13.78 -14.64
CA VAL B 93 -10.89 14.72 -14.37
C VAL B 93 -10.56 15.54 -15.62
N LYS B 94 -10.77 16.88 -15.56
CA LYS B 94 -10.50 17.74 -16.71
C LYS B 94 -9.01 18.03 -16.91
N TRP B 95 -8.62 18.10 -18.19
CA TRP B 95 -7.28 18.48 -18.61
C TRP B 95 -7.03 19.97 -18.49
N ASP B 96 -5.88 20.31 -17.91
CA ASP B 96 -5.42 21.69 -17.86
C ASP B 96 -4.23 21.73 -18.83
N ARG B 97 -4.17 22.82 -19.59
CA ARG B 97 -3.08 23.05 -20.53
C ARG B 97 -1.71 23.09 -19.86
N ASP B 98 -1.55 23.90 -18.81
CA ASP B 98 -0.31 23.99 -18.05
C ASP B 98 -0.55 23.50 -16.64
N MET B 99 -0.75 22.18 -16.55
CA MET B 99 -0.97 21.42 -15.34
C MET B 99 -1.12 19.95 -15.75
N PRO C 3 -9.21 -14.43 43.32
CA PRO C 3 -10.40 -15.26 43.08
C PRO C 3 -10.05 -16.56 42.34
N GLY C 4 -10.78 -16.93 41.28
CA GLY C 4 -10.42 -18.10 40.51
C GLY C 4 -11.46 -18.63 39.53
N VAL C 5 -11.12 -18.74 38.25
CA VAL C 5 -12.12 -19.07 37.21
C VAL C 5 -11.46 -19.78 36.02
N ASP C 6 -12.34 -20.24 35.08
CA ASP C 6 -12.09 -21.01 33.77
C ASP C 6 -12.68 -20.24 32.58
N VAL C 7 -11.96 -20.04 31.47
CA VAL C 7 -12.48 -19.35 30.26
C VAL C 7 -12.36 -20.36 29.09
N VAL C 8 -13.33 -20.44 28.18
CA VAL C 8 -13.27 -21.41 27.07
C VAL C 8 -13.57 -20.80 25.71
N LEU C 9 -13.09 -21.36 24.61
CA LEU C 9 -13.37 -20.71 23.32
C LEU C 9 -13.44 -21.60 22.08
N ASP C 10 -14.35 -21.37 21.12
CA ASP C 10 -14.37 -22.33 20.04
C ASP C 10 -13.18 -22.01 19.18
N CYS C 11 -12.32 -22.99 19.01
CA CYS C 11 -11.08 -22.76 18.29
C CYS C 11 -11.01 -23.79 17.16
N PHE C 12 -10.11 -23.52 16.21
CA PHE C 12 -9.65 -24.44 15.20
C PHE C 12 -8.21 -24.86 15.50
N LEU C 13 -7.67 -25.77 14.68
CA LEU C 13 -6.31 -26.27 14.82
C LEU C 13 -5.83 -26.97 13.56
N VAL C 14 -4.54 -26.90 13.30
CA VAL C 14 -3.99 -27.21 11.99
C VAL C 14 -3.47 -28.64 11.99
N LYS C 15 -3.64 -29.30 10.85
CA LYS C 15 -3.20 -30.69 10.67
C LYS C 15 -1.69 -30.79 10.50
N ASP C 16 -1.10 -31.76 11.14
CA ASP C 16 0.34 -31.89 11.21
C ASP C 16 1.10 -32.14 9.94
N GLY C 17 0.45 -32.44 8.82
CA GLY C 17 1.25 -32.76 7.67
C GLY C 17 1.98 -31.52 7.20
N ALA C 18 3.25 -31.48 7.61
CA ALA C 18 4.20 -30.40 7.35
C ALA C 18 4.68 -30.17 5.93
N HIS C 19 4.89 -31.20 5.12
CA HIS C 19 5.42 -30.88 3.81
C HIS C 19 4.49 -29.91 3.09
N ARG C 20 3.19 -30.19 3.19
CA ARG C 20 2.17 -29.39 2.54
C ARG C 20 2.16 -27.97 3.07
N GLY C 21 2.41 -27.80 4.36
CA GLY C 21 2.46 -26.47 4.93
C GLY C 21 3.60 -25.70 4.29
N ALA C 22 4.73 -26.36 4.07
CA ALA C 22 5.87 -25.74 3.45
C ALA C 22 5.44 -25.45 2.03
N LEU C 23 4.66 -26.33 1.43
CA LEU C 23 4.23 -26.07 0.05
C LEU C 23 3.56 -24.71 -0.34
N ALA C 24 2.47 -24.43 0.36
CA ALA C 24 1.61 -23.27 0.17
C ALA C 24 1.47 -22.42 1.43
N SER C 25 0.92 -21.21 1.24
CA SER C 25 0.76 -20.24 2.32
C SER C 25 -0.13 -20.61 3.51
N SER C 26 -1.26 -21.27 3.26
CA SER C 26 -2.13 -21.61 4.39
C SER C 26 -2.73 -23.00 4.16
N GLU C 27 -3.61 -23.41 5.08
CA GLU C 27 -4.40 -24.63 4.93
C GLU C 27 -5.80 -24.39 5.49
N ASP C 28 -6.69 -25.35 5.23
CA ASP C 28 -8.05 -25.35 5.80
C ASP C 28 -8.34 -26.75 6.37
N ARG C 29 -7.88 -27.00 7.59
CA ARG C 29 -8.11 -28.22 8.34
C ARG C 29 -8.70 -27.87 9.71
N ALA C 30 -9.85 -28.46 10.03
CA ALA C 30 -10.67 -28.05 11.17
C ALA C 30 -10.11 -28.61 12.49
N ARG C 31 -10.86 -28.39 13.59
CA ARG C 31 -10.53 -28.89 14.92
C ARG C 31 -11.60 -28.52 15.95
N ALA C 32 -11.16 -28.00 17.11
CA ALA C 32 -12.02 -27.66 18.25
C ALA C 32 -11.22 -27.08 19.44
N SER C 33 -12.03 -26.78 20.48
CA SER C 33 -11.80 -25.91 21.68
C SER C 33 -10.74 -25.95 22.79
N LEU C 34 -10.51 -24.74 23.33
CA LEU C 34 -9.48 -24.46 24.34
C LEU C 34 -9.82 -23.66 25.58
N VAL C 35 -9.20 -24.02 26.73
CA VAL C 35 -9.54 -23.54 28.07
C VAL C 35 -8.33 -23.33 28.98
N LEU C 36 -8.58 -22.91 30.23
CA LEU C 36 -7.54 -22.60 31.20
C LEU C 36 -8.19 -22.14 32.51
N LYS C 37 -7.45 -22.26 33.62
CA LYS C 37 -7.89 -21.71 34.91
C LYS C 37 -7.34 -20.31 35.15
N GLN C 38 -8.23 -19.39 35.50
CA GLN C 38 -7.94 -17.96 35.53
C GLN C 38 -7.94 -17.21 36.85
N VAL C 39 -7.26 -16.05 36.85
CA VAL C 39 -7.39 -14.98 37.85
C VAL C 39 -8.26 -13.77 37.45
N PRO C 40 -9.57 -13.85 37.74
CA PRO C 40 -10.61 -12.86 37.42
C PRO C 40 -10.36 -11.45 37.96
N VAL C 41 -10.71 -11.22 39.22
CA VAL C 41 -10.55 -9.92 39.86
C VAL C 41 -11.13 -8.80 39.01
N ASP C 61 -22.60 -37.48 19.25
CA ASP C 61 -22.37 -37.16 17.85
C ASP C 61 -20.93 -36.72 17.66
N ASP C 62 -20.74 -35.71 16.83
CA ASP C 62 -19.41 -35.21 16.55
C ASP C 62 -18.78 -34.64 17.81
N PRO C 63 -17.47 -34.85 17.98
CA PRO C 63 -16.69 -34.39 19.12
C PRO C 63 -15.61 -33.38 18.77
N PRO C 64 -15.26 -32.53 19.74
CA PRO C 64 -14.21 -31.54 19.74
C PRO C 64 -13.04 -31.87 20.60
N ILE C 65 -11.86 -31.40 20.26
CA ILE C 65 -10.67 -31.72 21.01
C ILE C 65 -10.65 -30.82 22.23
N ILE C 66 -9.82 -31.14 23.21
CA ILE C 66 -9.75 -30.30 24.39
C ILE C 66 -8.34 -29.99 24.83
N PHE C 67 -8.11 -28.72 25.10
CA PHE C 67 -6.82 -28.23 25.53
C PHE C 67 -6.97 -27.61 26.91
N GLU C 68 -6.09 -27.99 27.83
CA GLU C 68 -6.18 -27.64 29.24
C GLU C 68 -4.83 -27.05 29.64
N ALA C 69 -4.74 -25.72 29.72
CA ALA C 69 -3.48 -25.02 29.94
C ALA C 69 -3.49 -24.25 31.26
N SER C 70 -2.35 -24.31 31.95
CA SER C 70 -2.24 -23.79 33.32
C SER C 70 -1.62 -22.40 33.33
N VAL C 71 -2.29 -21.49 34.04
CA VAL C 71 -1.85 -20.11 34.22
C VAL C 71 -0.80 -20.07 35.31
N ASP C 72 0.44 -19.76 34.94
CA ASP C 72 1.52 -19.36 35.77
C ASP C 72 1.62 -17.81 36.04
N LEU C 73 1.82 -17.13 34.92
CA LEU C 73 1.89 -15.67 34.76
C LEU C 73 0.49 -15.04 34.60
N VAL C 74 0.45 -13.70 34.51
CA VAL C 74 -0.76 -12.96 34.41
C VAL C 74 -0.95 -12.70 32.95
N GLN C 75 -2.20 -12.76 32.53
CA GLN C 75 -2.60 -12.59 31.16
C GLN C 75 -3.11 -11.23 30.86
N ILE C 76 -2.60 -10.27 31.62
CA ILE C 76 -2.90 -8.88 31.49
C ILE C 76 -4.36 -8.62 31.63
N PRO C 77 -4.86 -7.75 30.78
CA PRO C 77 -6.26 -7.33 30.81
C PRO C 77 -7.16 -8.32 30.11
N GLN C 78 -6.57 -9.41 29.65
CA GLN C 78 -7.29 -10.41 28.92
C GLN C 78 -8.44 -11.04 29.67
N ALA C 79 -8.33 -11.31 30.97
CA ALA C 79 -9.47 -12.01 31.50
C ALA C 79 -10.83 -11.34 31.50
N GLU C 80 -10.90 -10.12 31.99
CA GLU C 80 -12.18 -9.46 32.09
C GLU C 80 -12.72 -9.25 30.71
N ALA C 81 -11.79 -8.83 29.89
CA ALA C 81 -12.06 -8.52 28.48
C ALA C 81 -12.89 -9.61 27.82
N LEU C 82 -12.59 -10.87 28.11
CA LEU C 82 -13.30 -11.95 27.45
C LEU C 82 -14.43 -12.52 28.29
N LEU C 83 -14.41 -12.26 29.61
CA LEU C 83 -15.53 -12.68 30.45
C LEU C 83 -16.83 -12.04 30.00
N HIS C 84 -16.78 -10.76 29.65
CA HIS C 84 -17.97 -10.05 29.15
C HIS C 84 -17.89 -9.84 27.65
N ALA C 85 -17.37 -10.81 26.90
CA ALA C 85 -17.12 -10.63 25.47
C ALA C 85 -18.30 -11.05 24.59
N ASP C 86 -18.89 -12.22 24.87
CA ASP C 86 -20.12 -12.60 24.16
C ASP C 86 -21.28 -11.73 24.59
N ALA C 87 -21.32 -11.35 25.87
CA ALA C 87 -22.35 -10.44 26.36
C ALA C 87 -22.26 -9.10 25.65
N SER C 88 -21.07 -8.48 25.67
CA SER C 88 -20.84 -7.25 24.91
C SER C 88 -20.90 -7.48 23.41
N GLY C 89 -21.08 -8.72 22.97
CA GLY C 89 -21.30 -9.01 21.56
C GLY C 89 -20.10 -8.83 20.67
N LYS C 90 -18.99 -9.49 21.00
CA LYS C 90 -17.80 -9.46 20.16
C LYS C 90 -17.51 -10.86 19.63
N GLU C 91 -17.18 -10.93 18.33
CA GLU C 91 -16.83 -12.19 17.68
C GLU C 91 -15.35 -12.50 17.89
N VAL C 92 -15.06 -13.70 18.39
CA VAL C 92 -13.76 -14.03 19.00
C VAL C 92 -13.13 -15.17 18.21
N THR C 93 -12.36 -14.84 17.17
CA THR C 93 -11.56 -15.84 16.49
C THR C 93 -10.56 -16.48 17.46
N CYS C 94 -10.01 -17.63 17.07
CA CYS C 94 -8.98 -18.37 17.81
C CYS C 94 -8.43 -19.48 16.93
N GLU C 95 -7.19 -19.91 17.19
CA GLU C 95 -6.56 -20.91 16.35
C GLU C 95 -5.23 -21.38 16.92
N ILE C 96 -5.09 -22.69 17.11
CA ILE C 96 -3.91 -23.27 17.74
C ILE C 96 -3.10 -24.03 16.69
N SER C 97 -1.82 -24.19 16.99
CA SER C 97 -0.84 -24.56 15.99
C SER C 97 0.33 -25.27 16.64
N ARG C 98 0.95 -26.17 15.91
CA ARG C 98 2.18 -26.78 16.38
C ARG C 98 3.33 -25.84 16.04
N TYR C 99 4.00 -25.32 17.07
CA TYR C 99 5.23 -24.53 16.89
C TYR C 99 6.34 -25.43 16.34
N PHE C 100 6.13 -26.03 15.15
CA PHE C 100 6.98 -27.11 14.64
C PHE C 100 6.64 -27.56 13.22
N LEU C 101 7.16 -28.73 12.85
CA LEU C 101 6.90 -29.42 11.57
C LEU C 101 7.51 -30.81 11.58
N THR C 110 9.78 -37.28 24.44
CA THR C 110 9.65 -36.19 23.48
C THR C 110 8.36 -35.38 23.69
N ALA C 111 8.50 -34.17 24.22
CA ALA C 111 7.39 -33.28 24.52
C ALA C 111 6.82 -32.67 23.24
N ALA C 112 6.00 -31.61 23.38
CA ALA C 112 5.46 -30.89 22.23
C ALA C 112 4.75 -29.61 22.69
N TRP C 113 4.85 -28.56 21.84
CA TRP C 113 4.54 -27.16 22.17
C TRP C 113 3.59 -26.53 21.16
N PHE C 114 2.54 -25.90 21.65
CA PHE C 114 1.55 -25.32 20.76
C PHE C 114 1.39 -23.83 21.05
N MET C 115 0.92 -23.11 20.04
CA MET C 115 0.74 -21.67 20.10
C MET C 115 -0.65 -21.29 19.62
N ALA C 116 -1.30 -20.38 20.33
CA ALA C 116 -2.60 -19.92 19.86
C ALA C 116 -2.62 -18.41 19.59
N ASN C 117 -3.67 -17.98 18.88
CA ASN C 117 -3.94 -16.60 18.50
C ASN C 117 -5.41 -16.31 18.78
N VAL C 118 -5.72 -15.12 19.27
CA VAL C 118 -7.11 -14.75 19.61
C VAL C 118 -7.40 -13.30 19.21
N GLN C 119 -8.59 -13.06 18.63
CA GLN C 119 -8.95 -11.74 18.11
C GLN C 119 -10.36 -11.40 18.55
N VAL C 120 -10.51 -10.24 19.16
CA VAL C 120 -11.80 -9.80 19.64
C VAL C 120 -12.52 -8.82 18.74
N SER C 121 -12.05 -8.65 17.52
CA SER C 121 -12.71 -7.77 16.58
C SER C 121 -12.88 -6.33 17.07
N GLY C 122 -14.11 -5.86 17.12
CA GLY C 122 -14.39 -4.48 17.47
C GLY C 122 -13.83 -4.05 18.80
N GLY C 123 -13.87 -4.94 19.79
CA GLY C 123 -13.32 -4.61 21.09
C GLY C 123 -11.83 -4.37 21.00
N GLY C 124 -11.15 -5.20 20.22
CA GLY C 124 -9.73 -5.11 19.99
C GLY C 124 -8.62 -5.88 20.69
N PRO C 125 -8.89 -6.64 21.77
CA PRO C 125 -7.74 -7.36 22.34
C PRO C 125 -7.25 -8.43 21.37
N SER C 126 -5.95 -8.70 21.35
CA SER C 126 -5.44 -9.65 20.38
C SER C 126 -4.10 -10.21 20.84
N ILE C 127 -3.94 -11.53 20.78
CA ILE C 127 -2.93 -12.13 21.65
C ILE C 127 -2.42 -13.45 21.06
N SER C 128 -1.15 -13.75 21.39
CA SER C 128 -0.44 -14.99 21.07
C SER C 128 -0.05 -15.68 22.41
N LEU C 129 -0.39 -16.97 22.63
CA LEU C 129 -0.08 -17.77 23.85
C LEU C 129 0.79 -18.94 23.30
N VAL C 130 1.78 -19.41 24.06
CA VAL C 130 2.68 -20.55 23.73
C VAL C 130 2.54 -21.55 24.94
N MET C 131 2.56 -22.91 24.76
CA MET C 131 2.22 -23.91 25.77
C MET C 131 3.09 -25.16 25.63
N LYS C 132 3.26 -25.84 26.76
CA LYS C 132 4.14 -27.00 26.84
C LYS C 132 3.40 -28.17 27.47
N THR C 133 3.93 -29.38 27.22
CA THR C 133 3.42 -30.61 27.80
C THR C 133 4.61 -31.45 28.26
N PRO C 134 4.64 -31.88 29.52
CA PRO C 134 5.63 -32.89 29.95
C PRO C 134 5.25 -34.27 29.42
N ARG C 135 6.13 -34.87 28.60
CA ARG C 135 5.78 -36.07 27.85
C ARG C 135 6.81 -37.18 28.04
N VAL C 136 6.32 -38.41 28.17
CA VAL C 136 7.13 -39.61 28.42
C VAL C 136 7.09 -40.58 27.23
N LEU C 142 0.49 -40.67 29.86
CA LEU C 142 1.45 -40.64 28.76
C LEU C 142 0.94 -41.34 27.50
N TRP C 143 -0.25 -40.96 27.02
CA TRP C 143 -0.86 -41.54 25.82
C TRP C 143 -1.11 -40.45 24.77
N HIS C 144 -1.20 -40.87 23.50
CA HIS C 144 -1.34 -39.95 22.38
C HIS C 144 -2.56 -40.33 21.55
N PRO C 145 -3.09 -39.37 20.80
CA PRO C 145 -4.26 -39.65 19.97
C PRO C 145 -3.81 -40.06 18.60
N THR C 146 -4.32 -41.17 18.14
CA THR C 146 -3.91 -41.65 16.84
C THR C 146 -4.25 -40.71 15.73
N LEU C 147 -5.42 -40.12 15.78
CA LEU C 147 -5.82 -39.28 14.68
C LEU C 147 -4.91 -38.11 14.45
N ASN C 148 -4.56 -37.43 15.52
CA ASN C 148 -3.67 -36.29 15.46
C ASN C 148 -2.54 -36.60 16.44
N LEU C 149 -1.34 -36.10 16.17
CA LEU C 149 -0.20 -36.38 17.06
C LEU C 149 -0.19 -35.43 18.25
N PRO C 150 -1.11 -35.65 19.18
CA PRO C 150 -1.21 -34.82 20.38
C PRO C 150 -1.18 -35.65 21.65
N LEU C 151 -0.34 -35.23 22.59
CA LEU C 151 -0.19 -35.87 23.89
C LEU C 151 -1.46 -35.67 24.72
N SER C 152 -2.22 -36.75 24.96
CA SER C 152 -3.49 -36.70 25.67
C SER C 152 -3.36 -37.31 27.08
N PRO C 153 -4.40 -37.09 27.91
CA PRO C 153 -4.34 -37.46 29.34
C PRO C 153 -5.66 -37.33 30.10
N GLN C 154 -6.29 -38.49 30.40
CA GLN C 154 -7.54 -38.56 31.19
C GLN C 154 -8.64 -37.71 30.56
N GLY C 155 -8.74 -37.79 29.22
CA GLY C 155 -9.76 -37.10 28.46
C GLY C 155 -9.24 -36.05 27.50
N THR C 156 -8.10 -35.41 27.82
CA THR C 156 -7.72 -34.13 27.24
C THR C 156 -6.24 -34.09 26.89
N VAL C 157 -5.86 -33.01 26.20
CA VAL C 157 -4.44 -32.63 25.99
C VAL C 157 -4.05 -31.75 27.17
N ARG C 158 -3.38 -32.34 28.16
CA ARG C 158 -2.90 -31.57 29.29
C ARG C 158 -1.76 -30.66 28.86
N THR C 159 -1.85 -29.37 29.18
CA THR C 159 -0.78 -28.43 28.82
C THR C 159 -0.75 -27.27 29.82
N ALA C 160 0.10 -26.30 29.54
CA ALA C 160 0.29 -25.15 30.42
C ALA C 160 0.95 -24.05 29.62
N VAL C 161 0.53 -22.82 29.85
CA VAL C 161 0.99 -21.69 29.09
C VAL C 161 2.07 -20.94 29.77
N GLU C 162 3.18 -20.76 29.07
CA GLU C 162 4.30 -20.02 29.60
C GLU C 162 4.77 -18.77 28.86
N PHE C 163 3.91 -18.16 28.08
CA PHE C 163 4.29 -16.93 27.40
C PHE C 163 3.14 -16.22 26.69
N GLN C 164 3.00 -14.91 26.79
CA GLN C 164 1.94 -14.25 26.03
C GLN C 164 2.48 -12.97 25.42
N VAL C 165 1.72 -12.43 24.46
CA VAL C 165 2.02 -11.18 23.75
C VAL C 165 0.69 -10.62 23.28
N MET C 166 0.26 -9.49 23.85
CA MET C 166 -1.03 -8.93 23.48
C MET C 166 -0.88 -7.47 23.12
N THR C 167 -1.71 -7.03 22.18
CA THR C 167 -2.04 -5.63 22.01
C THR C 167 -3.48 -5.43 22.44
N GLN C 168 -3.77 -4.29 23.06
CA GLN C 168 -5.16 -3.93 23.23
C GLN C 168 -5.65 -3.05 22.09
N THR C 169 -4.72 -2.67 21.22
CA THR C 169 -4.88 -1.67 20.17
C THR C 169 -4.57 -2.40 18.87
N GLN C 170 -5.58 -3.05 18.30
CA GLN C 170 -5.33 -3.81 17.08
C GLN C 170 -5.26 -2.92 15.84
N SER C 171 -6.12 -1.89 15.78
CA SER C 171 -6.07 -0.91 14.70
C SER C 171 -6.29 0.47 15.28
N LEU C 172 -5.49 1.46 14.82
CA LEU C 172 -5.38 2.78 15.44
C LEU C 172 -5.41 3.88 14.38
N SER C 173 -6.21 4.91 14.64
CA SER C 173 -6.30 6.06 13.76
C SER C 173 -5.91 7.31 14.54
N PHE C 174 -4.79 7.90 14.16
CA PHE C 174 -4.28 9.09 14.80
C PHE C 174 -4.28 10.23 13.80
N LEU C 175 -4.29 11.44 14.33
CA LEU C 175 -4.25 12.63 13.51
C LEU C 175 -2.80 12.98 13.20
N LEU C 176 -2.57 13.46 11.97
CA LEU C 176 -1.23 13.77 11.47
C LEU C 176 -0.41 14.57 12.47
N GLY C 177 0.84 14.15 12.68
CA GLY C 177 1.71 14.84 13.60
C GLY C 177 1.44 14.59 15.06
N SER C 178 0.38 13.88 15.43
CA SER C 178 0.15 13.61 16.84
C SER C 178 1.13 12.56 17.35
N SER C 179 1.08 12.30 18.66
CA SER C 179 1.90 11.26 19.28
C SER C 179 1.10 9.98 19.40
N ALA C 180 1.56 8.95 18.71
CA ALA C 180 0.95 7.64 18.76
C ALA C 180 1.67 6.79 19.79
N SER C 181 0.91 6.20 20.70
CA SER C 181 1.40 5.12 21.54
C SER C 181 0.73 3.85 21.05
N LEU C 182 1.52 2.91 20.54
CA LEU C 182 1.02 1.62 20.05
C LEU C 182 1.18 0.59 21.15
N ASP C 183 0.06 0.15 21.74
CA ASP C 183 0.14 -0.79 22.87
C ASP C 183 0.75 -2.12 22.44
N CYS C 184 1.52 -2.67 23.36
CA CYS C 184 2.00 -4.03 23.30
C CYS C 184 2.46 -4.39 24.70
N GLY C 185 1.82 -5.38 25.32
CA GLY C 185 2.35 -6.01 26.50
C GLY C 185 2.97 -7.35 26.15
N PHE C 186 3.40 -8.08 27.19
CA PHE C 186 3.75 -9.50 27.11
C PHE C 186 4.10 -10.00 28.51
N SER C 187 3.72 -11.22 28.85
CA SER C 187 4.09 -11.84 30.12
C SER C 187 5.06 -12.97 29.84
N MET C 188 6.05 -13.12 30.71
CA MET C 188 6.97 -14.25 30.66
C MET C 188 6.78 -15.12 31.89
N ALA C 189 6.84 -16.43 31.69
CA ALA C 189 6.82 -17.35 32.83
C ALA C 189 8.21 -17.42 33.44
N PRO C 190 8.36 -17.19 34.78
CA PRO C 190 9.68 -17.21 35.40
C PRO C 190 10.53 -18.39 35.01
N GLY C 191 11.67 -18.11 34.39
CA GLY C 191 12.47 -19.12 33.73
C GLY C 191 12.84 -18.63 32.35
N LEU C 192 11.96 -17.78 31.79
CA LEU C 192 12.18 -17.19 30.47
C LEU C 192 12.95 -15.89 30.60
N ASP C 193 14.08 -15.79 29.90
CA ASP C 193 14.86 -14.57 29.79
C ASP C 193 14.52 -13.91 28.45
N LEU C 194 14.08 -12.64 28.51
CA LEU C 194 13.81 -11.87 27.31
C LEU C 194 15.09 -11.65 26.51
N ILE C 195 14.95 -11.41 25.21
CA ILE C 195 16.13 -11.07 24.42
C ILE C 195 15.95 -9.79 23.63
N SER C 196 14.96 -9.74 22.74
CA SER C 196 14.81 -8.55 21.92
C SER C 196 13.39 -8.04 22.02
N VAL C 197 13.16 -6.81 21.54
CA VAL C 197 11.80 -6.33 21.29
C VAL C 197 11.74 -5.61 19.96
N GLU C 198 12.05 -6.32 18.86
CA GLU C 198 12.01 -5.65 17.57
C GLU C 198 10.66 -4.97 17.35
N TRP C 199 10.67 -3.88 16.58
CA TRP C 199 9.45 -3.23 16.14
C TRP C 199 9.60 -2.91 14.66
N ARG C 200 9.02 -3.73 13.81
CA ARG C 200 9.07 -3.44 12.39
C ARG C 200 7.83 -2.78 11.81
N LEU C 201 8.07 -1.89 10.84
CA LEU C 201 7.05 -1.43 9.90
C LEU C 201 7.04 -2.07 8.54
N GLN C 202 5.88 -2.57 8.10
CA GLN C 202 5.68 -3.10 6.76
C GLN C 202 4.52 -2.31 6.18
N HIS C 203 4.71 -1.70 5.05
CA HIS C 203 3.60 -1.04 4.44
C HIS C 203 3.90 -0.91 3.01
N LYS C 204 2.88 -1.15 2.20
CA LYS C 204 2.96 -1.08 0.77
C LYS C 204 4.09 -1.95 0.33
N GLY C 205 4.92 -1.38 -0.50
CA GLY C 205 6.03 -2.12 -0.96
C GLY C 205 7.07 -2.43 0.07
N ARG C 206 7.33 -1.52 1.00
CA ARG C 206 8.55 -1.74 1.77
C ARG C 206 8.27 -2.01 3.23
N GLY C 207 9.32 -2.46 3.88
CA GLY C 207 9.33 -2.75 5.29
C GLY C 207 10.68 -2.35 5.83
N GLN C 208 10.66 -1.68 6.97
CA GLN C 208 11.84 -1.07 7.58
C GLN C 208 11.76 -1.27 9.08
N LEU C 209 12.92 -1.33 9.72
CA LEU C 209 12.89 -1.42 11.17
C LEU C 209 12.49 -0.07 11.77
N VAL C 210 11.81 -0.10 12.91
CA VAL C 210 11.54 1.13 13.65
C VAL C 210 12.40 1.18 14.91
N TYR C 211 12.07 0.40 15.93
CA TYR C 211 12.84 0.41 17.15
C TYR C 211 13.40 -0.99 17.37
N SER C 212 14.61 -1.09 17.92
CA SER C 212 15.16 -2.39 18.29
C SER C 212 15.68 -2.34 19.71
N TRP C 213 14.92 -2.88 20.66
CA TRP C 213 15.43 -3.05 22.01
C TRP C 213 16.15 -4.39 22.07
N THR C 214 17.48 -4.34 22.21
CA THR C 214 18.23 -5.53 22.57
C THR C 214 18.01 -5.82 24.06
N ALA C 215 18.75 -6.76 24.61
CA ALA C 215 18.55 -7.09 26.01
C ALA C 215 18.82 -5.93 26.94
N GLY C 216 19.84 -5.13 26.65
CA GLY C 216 20.19 -3.98 27.48
C GLY C 216 20.30 -2.56 26.92
N GLN C 217 20.06 -2.36 25.62
CA GLN C 217 20.16 -1.03 24.99
C GLN C 217 19.14 -0.79 23.88
N GLY C 218 18.90 0.47 23.53
CA GLY C 218 17.93 0.79 22.51
C GLY C 218 18.55 1.14 21.17
N GLN C 219 17.73 1.10 20.13
CA GLN C 219 18.18 1.33 18.77
C GLN C 219 17.03 1.89 17.95
N ALA C 220 16.55 3.09 18.30
CA ALA C 220 15.49 3.69 17.52
C ALA C 220 16.00 4.11 16.16
N VAL C 221 15.15 3.91 15.16
CA VAL C 221 15.41 4.35 13.83
C VAL C 221 14.44 5.40 13.34
N ARG C 222 13.49 5.79 14.18
CA ARG C 222 12.49 6.79 13.84
C ARG C 222 11.91 7.62 15.02
N LYS C 223 12.81 7.88 15.97
CA LYS C 223 12.57 8.69 17.17
C LYS C 223 11.53 8.21 18.16
N GLY C 224 11.40 6.90 18.21
CA GLY C 224 10.49 6.17 19.08
C GLY C 224 11.10 5.74 20.40
N ALA C 225 10.43 6.09 21.48
CA ALA C 225 10.76 5.59 22.79
C ALA C 225 9.85 4.41 23.15
N THR C 226 10.45 3.33 23.65
CA THR C 226 9.73 2.34 24.43
C THR C 226 9.46 2.90 25.83
N LEU C 227 8.27 2.65 26.37
CA LEU C 227 7.94 3.13 27.71
C LEU C 227 8.31 2.14 28.83
N LEU C 232 8.84 -10.09 38.56
CA LEU C 232 9.27 -11.47 38.76
C LEU C 232 8.30 -12.45 38.10
N GLY C 233 8.12 -12.32 36.78
CA GLY C 233 7.20 -13.18 36.04
C GLY C 233 5.75 -12.73 35.95
N MET C 234 5.55 -11.52 35.44
CA MET C 234 4.24 -10.94 35.27
C MET C 234 4.21 -9.90 34.17
N ALA C 235 3.03 -9.39 33.87
CA ALA C 235 2.87 -8.53 32.71
C ALA C 235 3.87 -7.40 32.57
N ARG C 236 4.45 -7.28 31.37
CA ARG C 236 5.37 -6.21 31.04
C ARG C 236 4.71 -5.24 30.06
N ASP C 237 5.50 -4.32 29.53
CA ASP C 237 4.97 -3.38 28.58
C ASP C 237 5.99 -3.08 27.53
N ALA C 238 5.58 -3.13 26.29
CA ALA C 238 6.49 -2.84 25.22
C ALA C 238 5.89 -1.84 24.31
N SER C 239 4.96 -1.04 24.80
CA SER C 239 4.31 -0.11 23.93
C SER C 239 5.29 0.85 23.35
N LEU C 240 5.33 0.87 22.04
CA LEU C 240 6.16 1.80 21.33
C LEU C 240 5.44 3.13 21.35
N THR C 241 6.18 4.23 21.36
CA THR C 241 5.56 5.52 21.36
C THR C 241 6.04 6.29 20.18
N LEU C 242 5.14 6.82 19.39
CA LEU C 242 5.56 7.59 18.26
C LEU C 242 5.00 8.96 18.34
N PRO C 243 5.85 9.95 18.12
CA PRO C 243 5.59 11.37 18.21
C PRO C 243 5.70 12.08 16.88
N GLY C 244 4.86 13.07 16.66
CA GLY C 244 4.91 13.84 15.43
C GLY C 244 4.83 12.96 14.22
N LEU C 245 3.76 12.23 14.11
CA LEU C 245 3.63 11.32 13.00
C LEU C 245 3.60 12.13 11.74
N THR C 246 4.27 11.58 10.74
CA THR C 246 4.32 12.04 9.37
C THR C 246 3.95 10.86 8.57
N ILE C 247 3.44 11.05 7.38
CA ILE C 247 2.90 9.86 6.73
C ILE C 247 3.78 8.61 6.63
N GLN C 248 5.08 8.77 6.36
CA GLN C 248 6.01 7.65 6.37
C GLN C 248 5.84 6.74 7.58
N ASP C 249 5.15 7.21 8.61
CA ASP C 249 4.90 6.44 9.82
C ASP C 249 3.62 5.61 9.73
N GLU C 250 2.96 5.62 8.60
CA GLU C 250 1.67 4.96 8.47
C GLU C 250 1.88 3.52 8.01
N GLY C 251 1.03 2.62 8.54
CA GLY C 251 1.00 1.23 8.11
C GLY C 251 0.93 0.17 9.21
N THR C 252 1.67 -0.91 9.02
CA THR C 252 1.51 -2.10 9.85
C THR C 252 2.75 -2.34 10.67
N TYR C 253 2.57 -2.33 12.00
CA TYR C 253 3.63 -2.43 12.97
C TYR C 253 3.58 -3.78 13.67
N ILE C 254 4.76 -4.38 13.87
CA ILE C 254 4.90 -5.75 14.40
C ILE C 254 5.79 -5.70 15.64
N CYS C 255 5.18 -5.38 16.79
CA CYS C 255 5.80 -5.62 18.08
C CYS C 255 6.21 -7.10 18.16
N GLN C 256 7.51 -7.41 18.10
CA GLN C 256 7.98 -8.79 17.99
C GLN C 256 8.91 -9.13 19.17
N ILE C 257 8.41 -9.97 20.08
CA ILE C 257 9.01 -10.20 21.41
C ILE C 257 9.85 -11.48 21.44
N THR C 258 11.08 -11.42 20.93
CA THR C 258 11.93 -12.60 20.88
C THR C 258 12.47 -12.94 22.27
N THR C 259 12.02 -14.05 22.85
CA THR C 259 12.53 -14.52 24.13
C THR C 259 13.55 -15.60 23.99
N SER C 260 13.82 -16.27 25.10
CA SER C 260 14.84 -17.31 25.18
C SER C 260 14.62 -18.52 24.34
N LEU C 261 13.39 -18.99 24.28
CA LEU C 261 13.07 -20.14 23.46
C LEU C 261 12.28 -19.78 22.23
N TYR C 262 11.29 -18.91 22.39
CA TYR C 262 10.43 -18.57 21.28
C TYR C 262 9.93 -17.15 21.14
N ARG C 263 9.61 -16.74 19.91
CA ARG C 263 9.13 -15.42 19.56
C ARG C 263 7.65 -15.34 19.41
N ALA C 264 7.00 -14.21 19.68
CA ALA C 264 5.57 -14.12 19.46
C ALA C 264 5.23 -12.71 19.02
N GLN C 265 4.77 -12.57 17.80
CA GLN C 265 4.50 -11.28 17.30
C GLN C 265 3.09 -10.86 17.53
N GLN C 266 2.83 -9.56 17.52
CA GLN C 266 1.49 -9.03 17.61
C GLN C 266 1.46 -7.84 16.70
N ILE C 267 0.40 -7.55 15.96
CA ILE C 267 0.52 -6.45 15.00
C ILE C 267 -0.43 -5.32 15.34
N ILE C 268 -0.05 -4.11 14.93
CA ILE C 268 -0.85 -2.93 15.22
C ILE C 268 -0.88 -2.06 13.97
N GLN C 269 -2.10 -1.81 13.48
CA GLN C 269 -2.34 -1.07 12.25
C GLN C 269 -2.48 0.40 12.61
N LEU C 270 -1.67 1.23 11.97
CA LEU C 270 -1.62 2.67 12.24
C LEU C 270 -2.09 3.37 10.98
N ASN C 271 -3.32 3.87 11.01
CA ASN C 271 -3.84 4.69 9.94
C ASN C 271 -3.68 6.15 10.31
N ILE C 272 -3.33 6.98 9.36
CA ILE C 272 -3.08 8.35 9.64
C ILE C 272 -4.01 9.25 8.91
N GLN C 273 -4.80 10.01 9.62
CA GLN C 273 -5.70 10.95 9.01
C GLN C 273 -5.49 12.43 9.09
N ALA C 274 -5.77 13.11 8.00
CA ALA C 274 -5.48 14.52 7.82
C ALA C 274 -6.75 15.09 7.20
N SER C 275 -7.63 15.71 7.93
CA SER C 275 -8.83 16.17 7.30
C SER C 275 -8.52 17.30 6.42
N PRO C 276 -9.27 17.48 5.35
CA PRO C 276 -9.01 18.53 4.37
C PRO C 276 -9.59 19.81 4.96
N LYS C 277 -9.44 20.86 4.13
CA LYS C 277 -9.97 22.20 4.32
C LYS C 277 -10.54 22.63 2.95
N VAL C 278 -11.57 23.47 2.87
CA VAL C 278 -12.31 23.54 1.62
C VAL C 278 -12.70 24.98 1.36
N ARG C 279 -12.30 25.50 0.21
CA ARG C 279 -12.49 26.91 -0.13
C ARG C 279 -13.20 27.00 -1.48
N LEU C 280 -14.44 27.47 -1.46
CA LEU C 280 -15.15 27.75 -2.70
C LEU C 280 -14.99 29.23 -3.04
N SER C 281 -14.78 29.47 -4.30
CA SER C 281 -14.66 30.78 -4.84
C SER C 281 -14.89 30.65 -6.32
N LEU C 282 -15.25 31.75 -6.93
CA LEU C 282 -15.49 31.78 -8.34
C LEU C 282 -14.34 32.42 -8.98
N ALA C 283 -14.27 32.26 -10.26
CA ALA C 283 -13.12 32.88 -10.93
C ALA C 283 -13.49 33.07 -12.39
N ASN C 284 -12.53 33.63 -13.14
CA ASN C 284 -12.54 33.60 -14.61
C ASN C 284 -13.54 34.57 -15.23
N GLU C 285 -13.56 35.80 -14.70
CA GLU C 285 -13.95 37.03 -15.43
C GLU C 285 -15.41 37.18 -15.86
N ALA C 286 -16.36 36.51 -15.20
CA ALA C 286 -17.81 36.75 -15.39
C ALA C 286 -18.36 36.31 -16.75
N LEU C 287 -17.54 35.87 -17.69
CA LEU C 287 -18.00 35.07 -18.82
C LEU C 287 -17.33 33.71 -18.65
N LEU C 288 -18.05 32.65 -19.04
CA LEU C 288 -17.85 31.28 -18.53
C LEU C 288 -17.69 31.30 -17.00
N PRO C 289 -18.77 31.56 -16.27
CA PRO C 289 -18.66 31.72 -14.82
C PRO C 289 -18.33 30.40 -14.17
N THR C 290 -17.04 30.10 -14.11
CA THR C 290 -16.56 28.80 -13.66
C THR C 290 -16.48 28.82 -12.14
N LEU C 291 -17.47 28.25 -11.48
CA LEU C 291 -17.35 28.03 -10.04
C LEU C 291 -16.26 26.99 -9.76
N ILE C 292 -15.55 27.13 -8.64
CA ILE C 292 -14.36 26.30 -8.45
C ILE C 292 -14.04 26.11 -6.97
N CYS C 293 -13.73 24.87 -6.60
CA CYS C 293 -13.67 24.41 -5.21
C CYS C 293 -12.30 23.81 -4.92
N ASP C 294 -11.47 24.53 -4.14
CA ASP C 294 -10.20 24.01 -3.69
C ASP C 294 -10.40 23.28 -2.37
N ILE C 295 -10.08 21.99 -2.38
CA ILE C 295 -10.09 21.13 -1.21
C ILE C 295 -8.68 20.53 -1.13
N ALA C 296 -8.02 20.72 -0.01
CA ALA C 296 -6.70 20.12 0.09
C ALA C 296 -6.27 20.03 1.54
N GLY C 297 -5.05 19.46 1.70
CA GLY C 297 -4.45 19.06 2.96
C GLY C 297 -5.09 17.83 3.57
N TYR C 298 -5.25 16.75 2.79
CA TYR C 298 -5.95 15.57 3.28
C TYR C 298 -5.32 14.28 2.76
N TYR C 299 -5.13 13.33 3.68
CA TYR C 299 -4.62 12.05 3.38
C TYR C 299 -5.52 11.23 4.29
N PRO C 300 -6.09 10.09 3.79
CA PRO C 300 -5.94 9.31 2.55
C PRO C 300 -6.79 9.66 1.32
N LEU C 301 -6.58 8.93 0.23
CA LEU C 301 -6.89 9.43 -1.10
C LEU C 301 -8.41 9.55 -1.34
N ASP C 302 -9.24 8.91 -0.52
CA ASP C 302 -10.67 8.94 -0.79
C ASP C 302 -11.32 10.29 -0.61
N VAL C 303 -11.93 10.77 -1.68
CA VAL C 303 -12.62 12.05 -1.66
C VAL C 303 -14.04 12.03 -2.17
N VAL C 304 -14.98 12.52 -1.37
CA VAL C 304 -16.38 12.56 -1.78
C VAL C 304 -16.75 14.02 -1.94
N VAL C 305 -17.19 14.42 -3.12
CA VAL C 305 -17.49 15.83 -3.30
C VAL C 305 -18.93 15.98 -3.81
N THR C 306 -19.79 16.45 -2.92
CA THR C 306 -21.20 16.72 -3.17
C THR C 306 -21.42 18.24 -3.31
N TRP C 307 -22.08 18.66 -4.39
CA TRP C 307 -22.39 20.03 -4.68
C TRP C 307 -23.86 20.22 -4.38
N THR C 308 -24.20 21.44 -3.93
CA THR C 308 -25.59 21.93 -3.65
C THR C 308 -25.83 23.34 -4.30
N ARG C 309 -26.96 23.57 -4.99
CA ARG C 309 -27.32 24.88 -5.61
C ARG C 309 -28.72 25.28 -5.03
N GLU C 310 -28.99 26.53 -4.65
CA GLU C 310 -30.34 26.90 -4.15
C GLU C 310 -30.80 28.31 -4.58
N GLU C 311 -32.06 28.71 -4.32
CA GLU C 311 -32.46 30.07 -4.66
C GLU C 311 -33.43 30.66 -3.63
N SER C 315 -36.16 25.19 -0.15
CA SER C 315 -34.72 25.11 0.06
C SER C 315 -34.07 24.01 -0.76
N PRO C 316 -33.89 24.25 -2.07
CA PRO C 316 -33.40 23.20 -2.97
C PRO C 316 -32.11 22.49 -2.56
N ALA C 317 -31.84 21.35 -3.23
CA ALA C 317 -30.83 20.40 -2.79
C ALA C 317 -29.78 20.07 -3.84
N GLN C 318 -29.10 18.93 -3.65
CA GLN C 318 -27.99 18.37 -4.43
C GLN C 318 -28.05 18.62 -5.93
N VAL C 319 -26.90 18.74 -6.58
CA VAL C 319 -26.89 18.88 -8.03
C VAL C 319 -25.68 18.18 -8.62
N SER C 320 -25.56 18.24 -9.95
CA SER C 320 -24.69 17.35 -10.70
C SER C 320 -23.89 18.12 -11.75
N GLY C 321 -23.12 17.40 -12.54
CA GLY C 321 -22.20 18.02 -13.46
C GLY C 321 -20.83 18.26 -12.88
N ALA C 322 -20.59 17.76 -11.66
CA ALA C 322 -19.31 17.90 -10.99
C ALA C 322 -18.18 17.47 -11.92
N SER C 323 -17.00 18.05 -11.72
CA SER C 323 -15.85 17.73 -12.54
C SER C 323 -14.58 18.02 -11.76
N PHE C 324 -13.64 17.08 -11.73
CA PHE C 324 -12.44 17.21 -10.91
C PHE C 324 -11.21 17.57 -11.76
N SER C 325 -10.09 17.76 -11.06
CA SER C 325 -8.80 18.19 -11.61
C SER C 325 -7.76 17.12 -11.32
N SER C 326 -6.57 17.28 -11.91
CA SER C 326 -5.53 16.28 -11.71
C SER C 326 -5.14 16.21 -10.22
N LEU C 327 -4.30 15.25 -9.88
CA LEU C 327 -4.01 14.97 -8.48
C LEU C 327 -2.61 15.45 -8.17
N ARG C 328 -2.54 16.55 -7.43
CA ARG C 328 -1.30 17.11 -6.93
C ARG C 328 -1.20 16.95 -5.42
N GLN C 329 0.01 16.95 -4.94
CA GLN C 329 0.16 16.79 -3.55
C GLN C 329 1.11 17.68 -2.87
N SER C 330 0.70 18.14 -1.72
CA SER C 330 1.56 18.90 -0.84
C SER C 330 2.92 18.18 -0.74
N VAL C 331 3.85 18.85 -0.07
CA VAL C 331 5.17 18.27 0.06
C VAL C 331 5.14 17.15 1.09
N ALA C 332 4.36 17.32 2.15
CA ALA C 332 4.30 16.32 3.19
C ALA C 332 3.57 15.07 2.73
N GLY C 333 2.83 15.16 1.63
CA GLY C 333 2.15 14.02 1.06
C GLY C 333 0.65 14.01 1.21
N THR C 334 0.02 15.10 1.61
CA THR C 334 -1.42 15.18 1.46
C THR C 334 -1.74 15.53 0.01
N TYR C 335 -3.01 15.65 -0.30
CA TYR C 335 -3.46 15.72 -1.68
C TYR C 335 -4.31 16.97 -1.85
N SER C 336 -4.40 17.43 -3.11
CA SER C 336 -5.22 18.57 -3.49
C SER C 336 -5.91 18.26 -4.79
N ILE C 337 -7.07 18.88 -5.02
CA ILE C 337 -7.79 18.71 -6.26
C ILE C 337 -8.81 19.81 -6.40
N SER C 338 -9.36 20.02 -7.59
CA SER C 338 -10.38 21.05 -7.70
C SER C 338 -11.58 20.58 -8.49
N SER C 339 -12.77 20.73 -7.94
CA SER C 339 -14.05 20.39 -8.54
C SER C 339 -14.56 21.67 -9.19
N SER C 340 -14.62 21.69 -10.52
CA SER C 340 -14.89 22.94 -11.22
C SER C 340 -16.29 22.93 -11.82
N LEU C 341 -17.31 22.69 -10.98
CA LEU C 341 -18.69 22.82 -11.41
C LEU C 341 -18.94 24.22 -11.97
N THR C 342 -19.58 24.30 -13.12
CA THR C 342 -19.80 25.57 -13.79
C THR C 342 -21.10 26.23 -13.31
N ALA C 343 -21.00 27.51 -12.96
CA ALA C 343 -22.10 28.24 -12.32
C ALA C 343 -23.18 28.67 -13.30
N GLU C 344 -24.43 28.44 -12.91
CA GLU C 344 -25.64 28.85 -13.63
C GLU C 344 -26.54 29.64 -12.70
N PRO C 345 -26.75 30.94 -12.93
CA PRO C 345 -27.24 31.81 -11.86
C PRO C 345 -28.73 31.75 -11.62
N GLY C 346 -29.49 31.04 -12.44
CA GLY C 346 -30.89 31.36 -12.51
C GLY C 346 -31.00 32.77 -13.06
N SER C 347 -31.96 33.53 -12.55
CA SER C 347 -32.17 34.89 -13.05
C SER C 347 -31.71 35.97 -12.08
N ALA C 348 -31.72 35.69 -10.78
CA ALA C 348 -31.24 36.64 -9.79
C ALA C 348 -30.03 36.14 -9.01
N GLY C 349 -29.99 34.88 -8.65
CA GLY C 349 -28.80 34.41 -7.96
C GLY C 349 -29.06 33.10 -7.25
N ALA C 350 -27.97 32.41 -6.99
CA ALA C 350 -28.09 31.14 -6.30
C ALA C 350 -26.94 31.00 -5.31
N THR C 351 -27.03 29.93 -4.53
CA THR C 351 -26.00 29.61 -3.56
C THR C 351 -25.55 28.21 -3.94
N TYR C 352 -24.25 28.02 -4.08
CA TYR C 352 -23.69 26.72 -4.43
C TYR C 352 -22.92 26.29 -3.20
N THR C 353 -23.19 25.08 -2.71
CA THR C 353 -22.52 24.64 -1.48
C THR C 353 -21.62 23.45 -1.77
N CYS C 354 -20.37 23.71 -2.12
CA CYS C 354 -19.40 22.66 -2.36
C CYS C 354 -19.00 22.01 -1.03
N GLN C 355 -19.39 20.74 -0.83
CA GLN C 355 -18.94 20.01 0.35
C GLN C 355 -18.24 18.70 -0.02
N VAL C 356 -17.39 18.23 0.89
CA VAL C 356 -16.76 16.92 0.78
C VAL C 356 -16.97 16.20 2.10
N THR C 357 -16.96 14.87 2.02
CA THR C 357 -16.76 14.03 3.17
C THR C 357 -15.56 13.15 2.89
N HIS C 358 -14.90 12.75 3.99
CA HIS C 358 -13.61 12.07 3.99
C HIS C 358 -13.57 11.29 5.28
N ILE C 359 -12.50 10.49 5.46
CA ILE C 359 -12.46 9.42 6.48
C ILE C 359 -12.55 10.01 7.89
N SER C 360 -11.74 11.03 8.19
CA SER C 360 -11.67 11.63 9.52
C SER C 360 -12.93 12.40 9.88
N LEU C 361 -13.63 12.95 8.89
CA LEU C 361 -14.80 13.78 9.11
C LEU C 361 -16.01 12.93 9.46
N GLU C 362 -16.46 13.02 10.71
CA GLU C 362 -17.82 12.64 11.04
C GLU C 362 -18.83 13.64 10.53
N GLU C 363 -18.47 14.46 9.53
CA GLU C 363 -19.36 15.48 9.00
C GLU C 363 -18.79 16.17 7.76
N PRO C 364 -19.61 16.37 6.73
CA PRO C 364 -19.10 16.97 5.48
C PRO C 364 -18.77 18.46 5.63
N LEU C 365 -17.53 18.83 5.28
CA LEU C 365 -17.05 20.20 5.36
C LEU C 365 -17.53 21.02 4.17
N GLY C 366 -18.03 22.24 4.46
CA GLY C 366 -18.73 23.05 3.51
C GLY C 366 -17.98 24.31 3.11
N ALA C 367 -18.50 24.95 2.07
CA ALA C 367 -17.98 26.21 1.55
C ALA C 367 -19.10 26.88 0.78
N SER C 368 -19.66 27.96 1.29
CA SER C 368 -20.78 28.58 0.59
C SER C 368 -20.48 29.93 0.01
N THR C 369 -20.75 30.09 -1.27
CA THR C 369 -20.58 31.36 -1.98
C THR C 369 -21.81 31.64 -2.79
N GLN C 370 -21.96 32.85 -3.27
CA GLN C 370 -23.18 33.14 -4.02
C GLN C 370 -22.78 33.70 -5.38
N VAL C 371 -23.76 34.04 -6.20
CA VAL C 371 -23.53 34.21 -7.62
C VAL C 371 -24.64 35.05 -8.21
N VAL C 372 -24.34 35.75 -9.31
CA VAL C 372 -25.26 36.73 -9.89
C VAL C 372 -25.38 36.47 -11.38
N PRO C 373 -26.44 37.01 -12.03
CA PRO C 373 -26.68 37.15 -13.46
C PRO C 373 -25.43 37.30 -14.32
#